data_4YRE
#
_entry.id   4YRE
#
_cell.length_a   89.849
_cell.length_b   118.609
_cell.length_c   93.516
_cell.angle_alpha   90.000
_cell.angle_beta   91.320
_cell.angle_gamma   90.000
#
_symmetry.space_group_name_H-M   'C 1 2 1'
#
loop_
_entity.id
_entity.type
_entity.pdbx_description
1 polymer 'Histidyl-tRNA synthetase'
2 non-polymer HISTIDINE
3 non-polymer (2-bromophenyl)methanol
4 non-polymer 'DIMETHYL SULFOXIDE'
5 non-polymer 'SULFATE ION'
6 non-polymer 1,2-ETHANEDIOL
7 water water
#
_entity_poly.entity_id   1
_entity_poly.type   'polypeptide(L)'
_entity_poly.pdbx_seq_one_letter_code
;MAHHHHHHMGTLEAQTQGPGSMQKNMVETEPVQGCRDFPPEAMRCRRHLFDVFHATAKTFGFEEYDAPVLESEELYIRKA
GEEITEQMFNFITKGGHRVALRPEMTPSLARLLLGKGRSLLLPAKWYSIPQCWRYEAITRGRRREHYQWNMDIVGVKSVS
AEVELVCAACWAMRSLGLSSKDVGIKVNSRKVLQTVVEQAGVTSDKFAPVCVIVDKMEKIPREEVEAQLAVLGLEPTVVD
AITTTLSLKSIDEIAQRVGEEHEAVKELRQFFEQVEAYGYGDWVLFDASVVRGLAYYTGIVFEGFDREGKFRALCGGGRY
DNLLTTYGSPTPIPCAGFGFGDCVIVELLQEKRLLPDIPHVVDDVVIPFDESMRPHALAVLRRLRDAGRSADIILDKKKV
VQAFNYADRVGAVRAVLVAPEEWERGEVQVKMLREGTGKEEGGAERGFAVPLDRLV
;
_entity_poly.pdbx_strand_id   A,B
#
# COMPACT_ATOMS: atom_id res chain seq x y z
N ASN A 25 -56.26 -3.36 50.57
CA ASN A 25 -55.31 -2.68 51.53
C ASN A 25 -54.29 -1.78 50.83
N MET A 26 -53.80 -2.25 49.68
CA MET A 26 -52.72 -1.58 48.95
C MET A 26 -52.93 -1.79 47.44
N VAL A 27 -52.58 -0.78 46.65
CA VAL A 27 -52.67 -0.90 45.19
C VAL A 27 -51.63 -1.90 44.70
N GLU A 28 -51.85 -2.47 43.53
CA GLU A 28 -50.89 -3.40 42.96
C GLU A 28 -49.62 -2.61 42.63
N THR A 29 -48.49 -3.02 43.20
CA THR A 29 -47.24 -2.32 42.96
C THR A 29 -46.53 -2.85 41.73
N GLU A 30 -46.80 -4.09 41.35
CA GLU A 30 -46.17 -4.65 40.14
C GLU A 30 -46.75 -3.99 38.89
N PRO A 31 -45.93 -3.85 37.86
CA PRO A 31 -46.46 -3.31 36.61
C PRO A 31 -47.41 -4.28 35.91
N VAL A 32 -48.10 -3.79 34.90
CA VAL A 32 -48.99 -4.63 34.12
C VAL A 32 -48.18 -5.78 33.51
N GLN A 33 -48.81 -6.94 33.41
CA GLN A 33 -48.20 -8.18 32.92
C GLN A 33 -47.35 -8.00 31.68
N GLY A 34 -46.09 -8.44 31.75
CA GLY A 34 -45.16 -8.39 30.62
C GLY A 34 -44.51 -7.04 30.34
N CYS A 35 -44.71 -6.08 31.25
CA CYS A 35 -44.17 -4.72 31.07
C CYS A 35 -43.20 -4.37 32.18
N ARG A 36 -42.20 -3.56 31.87
CA ARG A 36 -41.14 -3.25 32.80
C ARG A 36 -41.26 -1.85 33.38
N ASP A 37 -40.96 -1.74 34.68
CA ASP A 37 -40.71 -0.47 35.32
C ASP A 37 -39.24 -0.12 35.18
N PHE A 38 -38.93 1.17 35.16
CA PHE A 38 -37.56 1.65 35.10
C PHE A 38 -37.35 2.69 36.20
N PRO A 39 -37.15 2.23 37.44
CA PRO A 39 -36.72 3.18 38.47
C PRO A 39 -35.31 3.64 38.14
N PRO A 40 -34.81 4.67 38.85
CA PRO A 40 -33.56 5.32 38.41
C PRO A 40 -32.40 4.37 38.10
N GLU A 41 -32.18 3.37 38.94
CA GLU A 41 -31.11 2.40 38.71
C GLU A 41 -31.24 1.71 37.34
N ALA A 42 -32.43 1.17 37.06
CA ALA A 42 -32.68 0.51 35.79
C ALA A 42 -32.65 1.51 34.64
N MET A 43 -33.16 2.72 34.87
CA MET A 43 -33.18 3.73 33.81
C MET A 43 -31.77 4.17 33.39
N ARG A 44 -30.82 4.20 34.33
CA ARG A 44 -29.44 4.55 33.98
C ARG A 44 -28.87 3.56 32.96
N CYS A 45 -29.25 2.29 33.10
CA CYS A 45 -28.80 1.24 32.20
C CYS A 45 -29.43 1.40 30.82
N ARG A 46 -30.75 1.58 30.78
CA ARG A 46 -31.45 1.87 29.52
C ARG A 46 -30.85 3.10 28.84
N ARG A 47 -30.57 4.12 29.64
CA ARG A 47 -30.05 5.38 29.13
C ARG A 47 -28.62 5.24 28.58
N HIS A 48 -27.80 4.46 29.26
CA HIS A 48 -26.47 4.12 28.79
C HIS A 48 -26.54 3.48 27.38
N LEU A 49 -27.47 2.57 27.20
CA LEU A 49 -27.69 1.94 25.91
C LEU A 49 -28.24 2.92 24.87
N PHE A 50 -29.27 3.67 25.25
CA PHE A 50 -29.87 4.62 24.34
C PHE A 50 -28.91 5.74 23.95
N ASP A 51 -28.03 6.15 24.85
CA ASP A 51 -27.01 7.15 24.50
C ASP A 51 -26.18 6.65 23.33
N VAL A 52 -25.84 5.37 23.34
CA VAL A 52 -25.04 4.79 22.28
C VAL A 52 -25.83 4.72 20.98
N PHE A 53 -27.11 4.34 21.06
CA PHE A 53 -27.94 4.32 19.87
C PHE A 53 -27.97 5.70 19.23
N HIS A 54 -28.27 6.71 20.03
CA HIS A 54 -28.30 8.08 19.57
C HIS A 54 -26.94 8.52 19.02
N ALA A 55 -25.88 8.22 19.74
CA ALA A 55 -24.56 8.67 19.33
C ALA A 55 -24.11 7.98 18.05
N THR A 56 -24.47 6.72 17.89
CA THR A 56 -24.14 6.02 16.66
C THR A 56 -24.93 6.59 15.48
N ALA A 57 -26.22 6.89 15.71
CA ALA A 57 -27.03 7.51 14.68
C ALA A 57 -26.44 8.86 14.26
N LYS A 58 -26.07 9.67 15.24
CA LYS A 58 -25.44 10.95 14.96
C LYS A 58 -24.12 10.78 14.18
N THR A 59 -23.27 9.88 14.66
CA THR A 59 -22.01 9.58 13.99
C THR A 59 -22.25 9.18 12.51
N PHE A 60 -23.35 8.48 12.24
CA PHE A 60 -23.64 7.96 10.92
C PHE A 60 -24.55 8.87 10.06
N GLY A 61 -24.93 10.03 10.60
CA GLY A 61 -25.68 11.02 9.84
C GLY A 61 -27.18 10.72 9.70
N PHE A 62 -27.72 9.88 10.57
CA PHE A 62 -29.15 9.58 10.54
C PHE A 62 -29.92 10.65 11.30
N GLU A 63 -31.14 10.94 10.83
CA GLU A 63 -32.02 11.92 11.47
C GLU A 63 -33.10 11.23 12.30
N GLU A 64 -33.39 11.75 13.48
CA GLU A 64 -34.40 11.18 14.36
C GLU A 64 -35.83 11.48 13.87
N TYR A 65 -36.72 10.53 14.09
CA TYR A 65 -38.15 10.70 13.84
C TYR A 65 -38.94 9.90 14.86
N ASP A 66 -40.26 10.09 14.86
CA ASP A 66 -41.14 9.34 15.74
C ASP A 66 -42.55 9.35 15.19
N ALA A 67 -43.35 8.39 15.62
CA ALA A 67 -44.74 8.30 15.20
C ALA A 67 -45.54 7.69 16.34
N PRO A 68 -46.87 7.75 16.27
CA PRO A 68 -47.64 7.29 17.43
C PRO A 68 -47.52 5.79 17.64
N VAL A 69 -47.44 5.39 18.90
CA VAL A 69 -47.42 3.99 19.29
C VAL A 69 -48.72 3.30 18.88
N LEU A 70 -49.79 4.09 18.74
CA LEU A 70 -51.08 3.62 18.26
C LEU A 70 -51.17 3.78 16.74
N GLU A 71 -51.39 2.69 16.02
CA GLU A 71 -51.56 2.73 14.56
C GLU A 71 -52.79 1.94 14.16
N SER A 72 -53.29 2.23 12.96
CA SER A 72 -54.37 1.46 12.36
C SER A 72 -53.93 0.02 12.16
N GLU A 73 -54.79 -0.92 12.52
CA GLU A 73 -54.51 -2.35 12.36
C GLU A 73 -54.22 -2.72 10.91
N GLU A 74 -54.94 -2.09 9.99
CA GLU A 74 -54.73 -2.23 8.54
C GLU A 74 -53.28 -2.15 8.12
N LEU A 75 -52.50 -1.36 8.84
CA LEU A 75 -51.09 -1.17 8.55
C LEU A 75 -50.29 -2.50 8.62
N TYR A 76 -50.77 -3.46 9.40
CA TYR A 76 -50.05 -4.72 9.67
C TYR A 76 -50.68 -5.99 9.09
N ILE A 77 -51.65 -5.85 8.19
CA ILE A 77 -52.34 -7.01 7.64
C ILE A 77 -51.64 -7.47 6.37
N ARG A 78 -50.57 -8.24 6.56
CA ARG A 78 -49.73 -8.68 5.46
C ARG A 78 -49.98 -10.12 5.00
N LYS A 79 -50.73 -10.89 5.79
CA LYS A 79 -51.24 -12.20 5.37
C LYS A 79 -50.14 -13.20 4.98
N ALA A 80 -49.02 -13.17 5.68
CA ALA A 80 -47.90 -14.08 5.40
C ALA A 80 -47.56 -15.01 6.58
N GLY A 81 -48.43 -15.05 7.59
CA GLY A 81 -48.20 -15.89 8.77
C GLY A 81 -47.01 -15.48 9.63
N GLU A 82 -46.67 -14.19 9.62
CA GLU A 82 -45.56 -13.69 10.41
C GLU A 82 -45.84 -13.73 11.90
N GLU A 83 -44.84 -14.14 12.66
CA GLU A 83 -44.92 -14.13 14.12
C GLU A 83 -45.23 -12.71 14.62
N ILE A 84 -44.59 -11.71 14.02
CA ILE A 84 -44.79 -10.31 14.41
C ILE A 84 -46.26 -9.86 14.31
N THR A 85 -46.96 -10.31 13.27
CA THR A 85 -48.34 -9.89 13.01
C THR A 85 -49.34 -10.79 13.74
N GLU A 86 -49.00 -12.06 13.87
CA GLU A 86 -49.77 -12.99 14.69
C GLU A 86 -49.90 -12.51 16.14
N GLN A 87 -48.81 -12.00 16.72
CA GLN A 87 -48.76 -11.65 18.13
C GLN A 87 -49.07 -10.17 18.41
N MET A 88 -49.90 -9.56 17.56
CA MET A 88 -50.24 -8.15 17.70
C MET A 88 -51.07 -7.84 18.95
N PHE A 89 -50.70 -6.76 19.64
CA PHE A 89 -51.46 -6.20 20.75
C PHE A 89 -52.48 -5.26 20.13
N ASN A 90 -53.62 -5.80 19.71
CA ASN A 90 -54.66 -4.99 19.07
C ASN A 90 -55.94 -4.90 19.90
N PHE A 91 -56.73 -3.86 19.63
CA PHE A 91 -58.03 -3.70 20.28
C PHE A 91 -58.94 -2.78 19.47
N ILE A 92 -60.22 -2.79 19.82
CA ILE A 92 -61.24 -2.01 19.13
C ILE A 92 -61.58 -0.78 19.97
N THR A 93 -61.55 0.39 19.33
CA THR A 93 -61.87 1.65 20.01
C THR A 93 -63.37 1.74 20.29
N LYS A 94 -63.76 2.64 21.18
CA LYS A 94 -65.19 2.90 21.39
C LYS A 94 -65.93 3.25 20.10
N GLY A 95 -65.24 3.90 19.16
CA GLY A 95 -65.83 4.33 17.91
C GLY A 95 -65.83 3.23 16.84
N GLY A 96 -65.29 2.07 17.18
CA GLY A 96 -65.38 0.87 16.34
C GLY A 96 -64.24 0.70 15.35
N HIS A 97 -63.16 1.44 15.54
CA HIS A 97 -62.01 1.36 14.63
C HIS A 97 -61.00 0.31 15.13
N ARG A 98 -60.42 -0.43 14.19
CA ARG A 98 -59.43 -1.44 14.50
C ARG A 98 -58.06 -0.76 14.63
N VAL A 99 -57.50 -0.75 15.83
CA VAL A 99 -56.18 -0.17 16.06
C VAL A 99 -55.28 -1.16 16.78
N ALA A 100 -53.99 -0.88 16.79
CA ALA A 100 -53.02 -1.71 17.48
C ALA A 100 -51.88 -0.88 18.02
N LEU A 101 -51.29 -1.34 19.12
CA LEU A 101 -49.99 -0.85 19.57
C LEU A 101 -48.97 -1.47 18.63
N ARG A 102 -48.12 -0.64 18.05
CA ARG A 102 -47.21 -1.09 17.01
C ARG A 102 -46.36 -2.29 17.44
N PRO A 103 -46.34 -3.37 16.65
CA PRO A 103 -45.43 -4.48 16.91
C PRO A 103 -44.04 -4.22 16.36
N GLU A 104 -43.95 -3.28 15.42
CA GLU A 104 -42.68 -2.90 14.83
C GLU A 104 -42.82 -1.48 14.33
N MET A 105 -41.74 -0.89 13.85
CA MET A 105 -41.77 0.51 13.42
C MET A 105 -41.83 0.69 11.90
N THR A 106 -41.38 -0.32 11.15
CA THR A 106 -41.16 -0.17 9.72
C THR A 106 -42.41 0.26 8.94
N PRO A 107 -43.58 -0.28 9.28
CA PRO A 107 -44.80 0.20 8.64
C PRO A 107 -45.12 1.67 8.92
N SER A 108 -44.86 2.12 10.14
CA SER A 108 -45.04 3.54 10.48
C SER A 108 -44.12 4.41 9.63
N LEU A 109 -42.86 3.99 9.53
CA LEU A 109 -41.87 4.70 8.70
C LEU A 109 -42.38 4.83 7.28
N ALA A 110 -42.87 3.72 6.74
CA ALA A 110 -43.39 3.69 5.38
C ALA A 110 -44.56 4.67 5.22
N ARG A 111 -45.45 4.70 6.21
CA ARG A 111 -46.59 5.63 6.17
C ARG A 111 -46.12 7.08 6.07
N LEU A 112 -45.18 7.45 6.94
CA LEU A 112 -44.60 8.79 6.92
C LEU A 112 -43.96 9.13 5.59
N LEU A 113 -43.18 8.20 5.03
CA LEU A 113 -42.53 8.42 3.73
C LEU A 113 -43.55 8.59 2.62
N LEU A 114 -44.58 7.76 2.65
CA LEU A 114 -45.66 7.82 1.66
C LEU A 114 -46.37 9.16 1.77
N GLY A 115 -46.53 9.64 3.00
CA GLY A 115 -47.19 10.91 3.25
C GLY A 115 -46.41 12.11 2.73
N LYS A 116 -45.08 12.05 2.77
CA LYS A 116 -44.28 13.16 2.27
C LYS A 116 -44.23 13.22 0.75
N GLY A 117 -44.27 12.05 0.10
CA GLY A 117 -44.34 11.98 -1.35
C GLY A 117 -43.08 12.52 -2.01
N ARG A 118 -43.25 13.36 -3.01
CA ARG A 118 -42.12 13.91 -3.74
C ARG A 118 -41.41 15.03 -2.98
N SER A 119 -42.03 15.56 -1.93
CA SER A 119 -41.37 16.56 -1.09
C SER A 119 -40.19 16.00 -0.27
N LEU A 120 -40.08 14.69 -0.14
CA LEU A 120 -38.99 14.11 0.64
C LEU A 120 -37.73 14.00 -0.20
N LEU A 121 -36.65 14.59 0.29
CA LEU A 121 -35.37 14.55 -0.41
C LEU A 121 -34.73 13.19 -0.15
N LEU A 122 -34.24 12.58 -1.23
CA LEU A 122 -33.61 11.29 -1.18
C LEU A 122 -32.15 11.43 -1.62
N PRO A 123 -31.22 10.71 -1.00
CA PRO A 123 -31.51 9.69 0.01
C PRO A 123 -31.86 10.27 1.39
N ALA A 124 -32.60 9.49 2.18
CA ALA A 124 -32.92 9.83 3.56
C ALA A 124 -32.45 8.72 4.50
N LYS A 125 -31.95 9.13 5.65
CA LYS A 125 -31.47 8.20 6.66
C LYS A 125 -32.17 8.56 7.97
N TRP A 126 -33.14 7.74 8.36
CA TRP A 126 -34.01 8.06 9.48
C TRP A 126 -33.86 7.01 10.58
N TYR A 127 -33.87 7.46 11.83
CA TYR A 127 -33.77 6.57 12.98
C TYR A 127 -34.76 6.94 14.07
N SER A 128 -35.03 5.96 14.94
CA SER A 128 -35.91 6.14 16.08
CA SER A 128 -35.90 6.14 16.09
C SER A 128 -35.67 5.02 17.08
N ILE A 129 -36.13 5.21 18.33
CA ILE A 129 -36.02 4.19 19.36
C ILE A 129 -37.42 3.94 19.95
N PRO A 130 -38.36 3.44 19.12
CA PRO A 130 -39.72 3.20 19.60
C PRO A 130 -39.83 2.03 20.57
N GLN A 131 -40.76 2.15 21.50
CA GLN A 131 -41.27 1.02 22.22
C GLN A 131 -42.26 0.31 21.32
N CYS A 132 -42.13 -1.01 21.23
CA CYS A 132 -43.01 -1.83 20.42
C CYS A 132 -43.63 -2.91 21.28
N TRP A 133 -44.79 -3.39 20.84
CA TRP A 133 -45.66 -4.22 21.65
C TRP A 133 -46.09 -5.54 21.01
N ARG A 134 -46.43 -6.49 21.87
CA ARG A 134 -47.03 -7.76 21.46
C ARG A 134 -47.89 -8.30 22.60
N TYR A 135 -48.82 -9.18 22.28
CA TYR A 135 -49.71 -9.76 23.28
C TYR A 135 -49.31 -11.20 23.60
N ARG A 142 -42.85 -14.12 27.17
CA ARG A 142 -43.44 -13.56 28.39
C ARG A 142 -43.40 -12.01 28.42
N ARG A 143 -42.36 -11.40 27.83
CA ARG A 143 -42.35 -9.96 27.63
C ARG A 143 -43.42 -9.56 26.62
N ARG A 144 -44.09 -8.42 26.86
CA ARG A 144 -45.06 -7.86 25.93
C ARG A 144 -44.62 -6.53 25.32
N GLU A 145 -43.41 -6.11 25.67
CA GLU A 145 -42.99 -4.76 25.43
C GLU A 145 -41.48 -4.73 25.33
N HIS A 146 -40.95 -4.00 24.36
CA HIS A 146 -39.51 -3.79 24.25
C HIS A 146 -39.26 -2.50 23.49
N TYR A 147 -38.10 -1.91 23.70
CA TYR A 147 -37.61 -0.81 22.90
C TYR A 147 -36.74 -1.37 21.81
N GLN A 148 -36.82 -0.74 20.63
CA GLN A 148 -36.11 -1.22 19.46
C GLN A 148 -35.57 -0.04 18.67
N TRP A 149 -34.25 0.04 18.61
CA TRP A 149 -33.58 1.02 17.77
C TRP A 149 -33.85 0.66 16.33
N ASN A 150 -34.38 1.60 15.57
CA ASN A 150 -34.59 1.41 14.14
C ASN A 150 -33.68 2.33 13.37
N MET A 151 -33.05 1.79 12.33
CA MET A 151 -32.25 2.59 11.43
C MET A 151 -32.66 2.18 10.03
N ASP A 152 -33.04 3.15 9.21
CA ASP A 152 -33.41 2.86 7.83
C ASP A 152 -32.81 3.87 6.86
N ILE A 153 -32.40 3.37 5.69
CA ILE A 153 -31.91 4.18 4.59
C ILE A 153 -32.88 4.05 3.43
N VAL A 154 -33.32 5.18 2.92
CA VAL A 154 -34.38 5.24 1.93
C VAL A 154 -33.83 5.88 0.68
N GLY A 155 -34.15 5.30 -0.47
CA GLY A 155 -33.76 5.89 -1.77
C GLY A 155 -32.40 5.48 -2.29
N VAL A 156 -31.78 4.47 -1.68
CA VAL A 156 -30.50 3.96 -2.12
C VAL A 156 -30.67 2.54 -2.67
N LYS A 157 -30.45 2.40 -3.97
CA LYS A 157 -30.59 1.14 -4.69
C LYS A 157 -29.45 0.16 -4.38
N SER A 158 -28.27 0.68 -4.11
CA SER A 158 -27.08 -0.15 -4.04
C SER A 158 -26.77 -0.64 -2.62
N VAL A 159 -25.96 -1.69 -2.55
CA VAL A 159 -25.64 -2.39 -1.30
C VAL A 159 -24.89 -1.54 -0.27
N SER A 160 -24.41 -0.37 -0.68
CA SER A 160 -23.79 0.57 0.25
C SER A 160 -24.69 0.89 1.44
N ALA A 161 -26.00 0.84 1.21
CA ALA A 161 -26.97 1.05 2.27
C ALA A 161 -26.85 -0.04 3.32
N GLU A 162 -26.90 -1.28 2.83
CA GLU A 162 -26.77 -2.43 3.72
C GLU A 162 -25.43 -2.40 4.44
N VAL A 163 -24.39 -2.02 3.71
CA VAL A 163 -23.06 -1.89 4.29
C VAL A 163 -23.07 -0.89 5.45
N GLU A 164 -23.64 0.27 5.22
CA GLU A 164 -23.70 1.31 6.24
C GLU A 164 -24.51 0.86 7.44
N LEU A 165 -25.66 0.25 7.18
CA LEU A 165 -26.54 -0.26 8.25
C LEU A 165 -25.82 -1.27 9.11
N VAL A 166 -25.18 -2.23 8.47
CA VAL A 166 -24.43 -3.27 9.19
C VAL A 166 -23.26 -2.65 9.95
N CYS A 167 -22.53 -1.75 9.32
CA CYS A 167 -21.46 -1.06 10.03
C CYS A 167 -21.99 -0.29 11.25
N ALA A 168 -23.16 0.33 11.13
CA ALA A 168 -23.75 1.08 12.26
C ALA A 168 -24.10 0.16 13.44
N ALA A 169 -24.66 -1.00 13.16
CA ALA A 169 -24.94 -1.97 14.22
C ALA A 169 -23.67 -2.41 14.94
N CYS A 170 -22.62 -2.73 14.18
CA CYS A 170 -21.35 -3.11 14.76
C CYS A 170 -20.75 -1.97 15.58
N TRP A 171 -20.80 -0.77 15.02
CA TRP A 171 -20.32 0.44 15.68
C TRP A 171 -20.97 0.60 17.06
N ALA A 172 -22.28 0.46 17.13
CA ALA A 172 -23.00 0.52 18.40
C ALA A 172 -22.48 -0.53 19.38
N MET A 173 -22.36 -1.77 18.91
CA MET A 173 -21.90 -2.85 19.77
C MET A 173 -20.48 -2.62 20.26
N ARG A 174 -19.60 -2.15 19.38
CA ARG A 174 -18.23 -1.85 19.76
C ARG A 174 -18.22 -0.69 20.77
N SER A 175 -19.09 0.29 20.56
CA SER A 175 -19.16 1.44 21.48
C SER A 175 -19.52 1.00 22.90
N LEU A 176 -20.29 -0.07 23.01
CA LEU A 176 -20.66 -0.65 24.31
C LEU A 176 -19.58 -1.56 24.92
N GLY A 177 -18.48 -1.77 24.19
CA GLY A 177 -17.34 -2.56 24.67
C GLY A 177 -17.21 -3.96 24.08
N LEU A 178 -18.08 -4.33 23.17
CA LEU A 178 -18.00 -5.67 22.55
C LEU A 178 -16.96 -5.69 21.42
N SER A 179 -16.34 -6.84 21.19
CA SER A 179 -15.39 -7.02 20.11
C SER A 179 -15.91 -8.02 19.07
N SER A 180 -15.19 -8.13 17.96
CA SER A 180 -15.51 -9.11 16.92
C SER A 180 -15.33 -10.53 17.42
N LYS A 181 -14.60 -10.72 18.52
CA LYS A 181 -14.56 -12.02 19.21
C LYS A 181 -15.87 -12.31 19.97
N ASP A 182 -16.60 -11.27 20.37
CA ASP A 182 -17.83 -11.44 21.15
C ASP A 182 -19.06 -11.63 20.27
N VAL A 183 -19.13 -10.90 19.17
CA VAL A 183 -20.30 -10.86 18.32
C VAL A 183 -19.93 -10.82 16.85
N GLY A 184 -20.91 -11.10 16.01
CA GLY A 184 -20.81 -10.88 14.57
C GLY A 184 -22.17 -10.60 13.95
N ILE A 185 -22.16 -10.29 12.64
CA ILE A 185 -23.37 -10.15 11.83
C ILE A 185 -23.36 -11.19 10.70
N LYS A 186 -24.35 -12.08 10.69
CA LYS A 186 -24.53 -13.05 9.62
C LYS A 186 -25.28 -12.38 8.50
N VAL A 187 -24.81 -12.55 7.27
CA VAL A 187 -25.43 -11.87 6.11
C VAL A 187 -25.77 -12.83 4.98
N ASN A 188 -26.88 -12.57 4.30
CA ASN A 188 -27.34 -13.39 3.18
C ASN A 188 -28.13 -12.52 2.20
N SER A 189 -28.53 -13.08 1.06
CA SER A 189 -29.52 -12.44 0.19
C SER A 189 -30.70 -13.38 -0.08
N ARG A 190 -31.91 -12.86 0.07
CA ARG A 190 -33.11 -13.61 -0.25
C ARG A 190 -33.25 -13.93 -1.76
N LYS A 191 -32.50 -13.23 -2.60
CA LYS A 191 -32.57 -13.44 -4.05
C LYS A 191 -32.11 -14.82 -4.51
N VAL A 192 -31.20 -15.44 -3.77
CA VAL A 192 -30.77 -16.81 -4.09
C VAL A 192 -31.98 -17.74 -4.02
N LEU A 193 -32.65 -17.73 -2.87
CA LEU A 193 -33.86 -18.53 -2.64
C LEU A 193 -35.00 -18.13 -3.58
N GLN A 194 -35.10 -16.84 -3.89
CA GLN A 194 -36.10 -16.37 -4.85
C GLN A 194 -35.95 -17.09 -6.20
N THR A 195 -34.73 -17.13 -6.73
CA THR A 195 -34.44 -17.82 -7.99
C THR A 195 -34.82 -19.31 -7.91
N VAL A 196 -34.38 -19.98 -6.85
CA VAL A 196 -34.63 -21.43 -6.65
C VAL A 196 -36.13 -21.74 -6.61
N VAL A 197 -36.87 -20.94 -5.86
CA VAL A 197 -38.32 -21.04 -5.74
C VAL A 197 -38.97 -20.75 -7.10
N GLU A 198 -38.56 -19.66 -7.74
CA GLU A 198 -39.13 -19.26 -9.03
C GLU A 198 -38.81 -20.26 -10.15
N GLN A 199 -37.63 -20.88 -10.10
CA GLN A 199 -37.23 -21.90 -11.08
C GLN A 199 -38.05 -23.19 -10.97
N ALA A 200 -38.64 -23.45 -9.80
CA ALA A 200 -39.48 -24.63 -9.60
C ALA A 200 -40.95 -24.38 -9.96
N GLY A 201 -41.27 -23.19 -10.48
CA GLY A 201 -42.63 -22.89 -10.92
C GLY A 201 -43.55 -22.38 -9.81
N VAL A 202 -42.98 -22.11 -8.64
CA VAL A 202 -43.76 -21.63 -7.50
C VAL A 202 -44.14 -20.18 -7.74
N THR A 203 -45.42 -19.88 -7.61
CA THR A 203 -45.92 -18.52 -7.79
C THR A 203 -45.15 -17.54 -6.90
N SER A 204 -44.90 -16.34 -7.42
CA SER A 204 -44.11 -15.35 -6.69
C SER A 204 -44.79 -14.91 -5.39
N ASP A 205 -46.12 -14.89 -5.38
CA ASP A 205 -46.88 -14.55 -4.16
C ASP A 205 -46.65 -15.53 -3.01
N LYS A 206 -46.13 -16.72 -3.29
CA LYS A 206 -45.80 -17.70 -2.25
C LYS A 206 -44.42 -17.49 -1.63
N PHE A 207 -43.62 -16.58 -2.20
CA PHE A 207 -42.23 -16.41 -1.77
C PHE A 207 -42.09 -15.87 -0.34
N ALA A 208 -42.91 -14.87 0.00
CA ALA A 208 -42.89 -14.31 1.34
C ALA A 208 -43.22 -15.39 2.40
N PRO A 209 -44.34 -16.14 2.23
CA PRO A 209 -44.63 -17.29 3.10
C PRO A 209 -43.46 -18.28 3.25
N VAL A 210 -42.83 -18.63 2.14
CA VAL A 210 -41.67 -19.53 2.14
C VAL A 210 -40.57 -18.99 3.06
N CYS A 211 -40.25 -17.72 2.95
CA CYS A 211 -39.26 -17.10 3.82
C CYS A 211 -39.68 -17.14 5.30
N VAL A 212 -40.96 -16.87 5.55
CA VAL A 212 -41.50 -16.91 6.91
C VAL A 212 -41.34 -18.32 7.50
N ILE A 213 -41.68 -19.32 6.71
CA ILE A 213 -41.57 -20.72 7.12
C ILE A 213 -40.10 -21.13 7.35
N VAL A 214 -39.27 -20.89 6.34
CA VAL A 214 -37.88 -21.30 6.35
C VAL A 214 -37.08 -20.60 7.46
N ASP A 215 -37.50 -19.39 7.82
CA ASP A 215 -36.93 -18.68 8.99
C ASP A 215 -36.98 -19.53 10.28
N LYS A 216 -37.96 -20.41 10.38
CA LYS A 216 -38.16 -21.23 11.58
C LYS A 216 -37.14 -22.38 11.78
N MET A 217 -36.28 -22.63 10.79
CA MET A 217 -35.28 -23.72 10.84
C MET A 217 -34.50 -23.86 12.16
N GLU A 218 -34.00 -22.75 12.67
CA GLU A 218 -33.24 -22.77 13.92
C GLU A 218 -34.10 -23.19 15.13
N LYS A 219 -35.37 -22.81 15.11
CA LYS A 219 -36.25 -22.94 16.29
C LYS A 219 -37.05 -24.24 16.35
N ILE A 220 -37.43 -24.80 15.19
CA ILE A 220 -38.25 -26.03 15.16
C ILE A 220 -37.62 -27.11 14.26
N PRO A 221 -38.02 -28.38 14.44
CA PRO A 221 -37.44 -29.46 13.64
C PRO A 221 -37.65 -29.32 12.12
N ARG A 222 -36.68 -29.82 11.35
CA ARG A 222 -36.72 -29.76 9.89
C ARG A 222 -37.94 -30.47 9.29
N GLU A 223 -38.41 -31.52 9.96
CA GLU A 223 -39.63 -32.22 9.55
C GLU A 223 -40.84 -31.28 9.53
N GLU A 224 -40.97 -30.45 10.57
CA GLU A 224 -42.07 -29.49 10.66
C GLU A 224 -41.97 -28.37 9.62
N VAL A 225 -40.76 -27.85 9.40
CA VAL A 225 -40.54 -26.83 8.37
C VAL A 225 -40.90 -27.39 6.99
N GLU A 226 -40.45 -28.61 6.72
CA GLU A 226 -40.81 -29.33 5.49
C GLU A 226 -42.34 -29.52 5.38
N ALA A 227 -42.98 -29.89 6.48
CA ALA A 227 -44.44 -30.06 6.52
C ALA A 227 -45.20 -28.77 6.18
N GLN A 228 -44.75 -27.65 6.74
CA GLN A 228 -45.39 -26.36 6.48
C GLN A 228 -45.29 -25.91 5.02
N LEU A 229 -44.17 -26.20 4.39
CA LEU A 229 -43.95 -25.86 2.97
C LEU A 229 -44.85 -26.68 2.06
N ALA A 230 -45.06 -27.94 2.43
CA ALA A 230 -46.01 -28.82 1.74
C ALA A 230 -47.42 -28.22 1.78
N VAL A 231 -47.82 -27.76 2.96
CA VAL A 231 -49.13 -27.10 3.16
C VAL A 231 -49.26 -25.82 2.31
N LEU A 232 -48.17 -25.08 2.15
CA LEU A 232 -48.15 -23.91 1.27
C LEU A 232 -48.34 -24.33 -0.20
N GLY A 233 -48.00 -25.58 -0.51
CA GLY A 233 -48.29 -26.20 -1.81
C GLY A 233 -47.08 -26.59 -2.65
N LEU A 234 -45.93 -26.75 -1.99
CA LEU A 234 -44.67 -27.06 -2.69
C LEU A 234 -44.41 -28.55 -2.61
N GLU A 235 -44.05 -29.15 -3.76
CA GLU A 235 -43.76 -30.58 -3.82
C GLU A 235 -42.37 -30.87 -3.22
N PRO A 236 -42.13 -32.13 -2.82
CA PRO A 236 -40.88 -32.55 -2.17
C PRO A 236 -39.57 -32.09 -2.83
N THR A 237 -39.44 -32.24 -4.14
CA THR A 237 -38.17 -31.89 -4.81
C THR A 237 -37.85 -30.40 -4.67
N VAL A 238 -38.90 -29.57 -4.60
CA VAL A 238 -38.75 -28.13 -4.40
C VAL A 238 -38.32 -27.82 -2.97
N VAL A 239 -38.85 -28.56 -2.01
CA VAL A 239 -38.45 -28.45 -0.61
C VAL A 239 -36.98 -28.87 -0.43
N ASP A 240 -36.56 -29.91 -1.15
CA ASP A 240 -35.17 -30.35 -1.16
C ASP A 240 -34.20 -29.28 -1.68
N ALA A 241 -34.58 -28.62 -2.77
CA ALA A 241 -33.77 -27.58 -3.37
C ALA A 241 -33.65 -26.40 -2.40
N ILE A 242 -34.77 -26.04 -1.78
CA ILE A 242 -34.79 -25.02 -0.72
C ILE A 242 -33.82 -25.37 0.41
N THR A 243 -33.93 -26.59 0.92
CA THR A 243 -33.10 -27.06 2.04
C THR A 243 -31.62 -27.07 1.67
N THR A 244 -31.29 -27.55 0.49
CA THR A 244 -29.91 -27.61 0.03
C THR A 244 -29.29 -26.22 -0.06
N THR A 245 -30.05 -25.24 -0.55
CA THR A 245 -29.49 -23.90 -0.74
C THR A 245 -29.23 -23.20 0.59
N LEU A 246 -30.06 -23.49 1.59
CA LEU A 246 -29.87 -22.94 2.94
C LEU A 246 -28.64 -23.53 3.62
N SER A 247 -28.15 -24.66 3.10
CA SER A 247 -26.99 -25.35 3.66
C SER A 247 -25.68 -25.02 2.96
N LEU A 248 -25.74 -24.26 1.87
CA LEU A 248 -24.53 -23.89 1.15
C LEU A 248 -23.69 -23.00 2.06
N LYS A 249 -22.39 -23.26 2.13
CA LYS A 249 -21.56 -22.69 3.19
C LYS A 249 -20.69 -21.50 2.80
N SER A 250 -20.69 -21.13 1.53
CA SER A 250 -19.90 -20.00 1.06
C SER A 250 -20.57 -19.34 -0.13
N ILE A 251 -20.09 -18.13 -0.46
CA ILE A 251 -20.57 -17.40 -1.62
C ILE A 251 -20.11 -18.12 -2.90
N ASP A 252 -18.93 -18.72 -2.85
CA ASP A 252 -18.44 -19.49 -4.00
C ASP A 252 -19.41 -20.63 -4.32
N GLU A 253 -19.94 -21.27 -3.27
CA GLU A 253 -20.89 -22.37 -3.45
C GLU A 253 -22.23 -21.86 -3.99
N ILE A 254 -22.64 -20.67 -3.58
CA ILE A 254 -23.79 -20.01 -4.21
C ILE A 254 -23.48 -19.78 -5.69
N ALA A 255 -22.28 -19.28 -5.97
CA ALA A 255 -21.87 -19.00 -7.35
C ALA A 255 -21.92 -20.25 -8.24
N GLN A 256 -21.53 -21.40 -7.69
CA GLN A 256 -21.60 -22.67 -8.40
C GLN A 256 -23.03 -23.04 -8.77
N ARG A 257 -23.94 -22.76 -7.85
CA ARG A 257 -25.33 -23.17 -7.97
C ARG A 257 -26.14 -22.24 -8.88
N VAL A 258 -25.96 -20.92 -8.75
CA VAL A 258 -26.76 -19.95 -9.52
C VAL A 258 -25.96 -19.04 -10.47
N GLY A 259 -24.64 -19.21 -10.50
CA GLY A 259 -23.80 -18.39 -11.36
C GLY A 259 -23.17 -17.21 -10.64
N GLU A 260 -21.92 -16.92 -11.00
CA GLU A 260 -21.16 -15.80 -10.45
C GLU A 260 -21.80 -14.45 -10.79
N GLU A 261 -22.47 -14.39 -11.93
CA GLU A 261 -23.12 -13.16 -12.39
C GLU A 261 -24.53 -12.96 -11.83
N HIS A 262 -25.01 -13.90 -11.01
CA HIS A 262 -26.29 -13.74 -10.33
C HIS A 262 -26.21 -12.52 -9.40
N GLU A 263 -27.28 -11.73 -9.37
CA GLU A 263 -27.35 -10.50 -8.56
C GLU A 263 -26.87 -10.70 -7.13
N ALA A 264 -27.42 -11.73 -6.47
CA ALA A 264 -27.05 -12.02 -5.07
C ALA A 264 -25.55 -12.16 -4.89
N VAL A 265 -24.89 -12.87 -5.79
CA VAL A 265 -23.45 -13.07 -5.67
C VAL A 265 -22.72 -11.75 -5.83
N LYS A 266 -23.06 -11.04 -6.88
CA LYS A 266 -22.50 -9.73 -7.17
C LYS A 266 -22.69 -8.79 -5.97
N GLU A 267 -23.92 -8.74 -5.46
CA GLU A 267 -24.24 -7.83 -4.37
C GLU A 267 -23.53 -8.21 -3.07
N LEU A 268 -23.50 -9.50 -2.75
CA LEU A 268 -22.84 -9.95 -1.52
C LEU A 268 -21.34 -9.69 -1.59
N ARG A 269 -20.75 -9.84 -2.77
CA ARG A 269 -19.31 -9.59 -2.94
C ARG A 269 -18.99 -8.11 -2.70
N GLN A 270 -19.74 -7.23 -3.35
CA GLN A 270 -19.64 -5.80 -3.12
C GLN A 270 -19.79 -5.48 -1.62
N PHE A 271 -20.83 -6.05 -1.01
CA PHE A 271 -21.06 -5.85 0.41
C PHE A 271 -19.83 -6.17 1.26
N PHE A 272 -19.30 -7.38 1.12
CA PHE A 272 -18.15 -7.77 1.93
C PHE A 272 -16.92 -6.93 1.64
N GLU A 273 -16.74 -6.55 0.37
CA GLU A 273 -15.62 -5.70 0.00
C GLU A 273 -15.71 -4.36 0.71
N GLN A 274 -16.92 -3.80 0.77
CA GLN A 274 -17.10 -2.50 1.39
C GLN A 274 -16.92 -2.53 2.90
N VAL A 275 -17.48 -3.55 3.55
CA VAL A 275 -17.28 -3.70 5.00
C VAL A 275 -15.81 -3.86 5.32
N GLU A 276 -15.11 -4.65 4.51
CA GLU A 276 -13.68 -4.87 4.69
C GLU A 276 -12.94 -3.53 4.62
N ALA A 277 -13.25 -2.73 3.61
CA ALA A 277 -12.63 -1.42 3.42
C ALA A 277 -12.90 -0.46 4.59
N TYR A 278 -14.10 -0.53 5.16
CA TYR A 278 -14.47 0.29 6.29
C TYR A 278 -13.73 -0.15 7.57
N GLY A 279 -13.16 -1.36 7.55
CA GLY A 279 -12.36 -1.88 8.64
C GLY A 279 -13.12 -2.80 9.59
N TYR A 280 -14.31 -3.24 9.18
CA TYR A 280 -15.12 -4.12 10.04
C TYR A 280 -15.26 -5.54 9.49
N GLY A 281 -14.29 -5.96 8.68
CA GLY A 281 -14.28 -7.30 8.07
C GLY A 281 -14.39 -8.48 9.04
N ASP A 282 -13.75 -8.37 10.19
CA ASP A 282 -13.82 -9.43 11.20
C ASP A 282 -15.21 -9.56 11.83
N TRP A 283 -16.07 -8.55 11.66
CA TRP A 283 -17.39 -8.55 12.30
C TRP A 283 -18.47 -9.23 11.48
N VAL A 284 -18.21 -9.47 10.20
CA VAL A 284 -19.27 -9.95 9.29
C VAL A 284 -18.88 -11.27 8.64
N LEU A 285 -19.90 -12.03 8.24
CA LEU A 285 -19.71 -13.32 7.62
C LEU A 285 -20.96 -13.72 6.87
N PHE A 286 -20.79 -14.66 5.95
CA PHE A 286 -21.87 -15.17 5.14
C PHE A 286 -22.55 -16.34 5.82
N ASP A 287 -23.88 -16.35 5.80
CA ASP A 287 -24.64 -17.50 6.28
C ASP A 287 -25.89 -17.66 5.43
N ALA A 288 -25.93 -18.73 4.64
CA ALA A 288 -27.02 -18.96 3.69
C ALA A 288 -28.36 -19.28 4.33
N SER A 289 -28.39 -19.57 5.62
CA SER A 289 -29.60 -19.92 6.34
C SER A 289 -30.37 -18.70 6.88
N VAL A 290 -29.75 -17.53 6.80
CA VAL A 290 -30.38 -16.33 7.30
C VAL A 290 -31.38 -15.81 6.28
N VAL A 291 -32.65 -15.78 6.68
CA VAL A 291 -33.70 -15.19 5.85
C VAL A 291 -34.52 -14.10 6.55
N ARG A 292 -34.56 -14.14 7.89
CA ARG A 292 -35.46 -13.30 8.70
C ARG A 292 -36.93 -13.69 8.50
N GLY A 293 -37.76 -13.33 9.47
CA GLY A 293 -39.16 -13.74 9.49
C GLY A 293 -40.16 -12.73 8.96
N LEU A 294 -39.69 -11.64 8.39
CA LEU A 294 -40.60 -10.61 7.89
C LEU A 294 -40.91 -10.82 6.41
N ALA A 295 -42.17 -10.54 6.04
CA ALA A 295 -42.63 -10.80 4.70
C ALA A 295 -41.86 -9.98 3.67
N TYR A 296 -41.49 -8.75 4.05
CA TYR A 296 -41.16 -7.71 3.06
C TYR A 296 -39.71 -7.63 2.56
N TYR A 297 -38.78 -8.37 3.15
CA TYR A 297 -37.39 -8.34 2.68
C TYR A 297 -37.27 -8.94 1.27
N THR A 298 -36.63 -8.19 0.37
CA THR A 298 -36.46 -8.59 -1.02
C THR A 298 -35.01 -8.94 -1.40
N GLY A 299 -34.04 -8.47 -0.64
CA GLY A 299 -32.64 -8.59 -1.02
C GLY A 299 -31.80 -9.06 0.14
N ILE A 300 -30.70 -8.35 0.39
CA ILE A 300 -29.80 -8.68 1.49
C ILE A 300 -30.56 -8.64 2.82
N VAL A 301 -30.29 -9.63 3.66
CA VAL A 301 -30.80 -9.69 5.03
C VAL A 301 -29.64 -10.03 5.96
N PHE A 302 -29.77 -9.66 7.23
CA PHE A 302 -28.72 -9.88 8.18
C PHE A 302 -29.22 -9.92 9.61
N GLU A 303 -28.42 -10.49 10.50
CA GLU A 303 -28.72 -10.50 11.92
C GLU A 303 -27.47 -10.66 12.78
N GLY A 304 -27.46 -9.96 13.90
CA GLY A 304 -26.33 -9.97 14.80
C GLY A 304 -26.53 -11.10 15.77
N PHE A 305 -25.42 -11.67 16.21
CA PHE A 305 -25.46 -12.82 17.08
C PHE A 305 -24.23 -12.81 17.97
N ASP A 306 -24.37 -13.37 19.17
CA ASP A 306 -23.21 -13.60 20.03
C ASP A 306 -22.51 -14.89 19.60
N ARG A 307 -21.19 -14.82 19.52
CA ARG A 307 -20.39 -15.94 19.01
C ARG A 307 -20.25 -17.13 19.98
N GLU A 308 -20.85 -17.03 21.17
CA GLU A 308 -20.93 -18.18 22.08
C GLU A 308 -22.21 -18.98 21.88
N GLY A 309 -23.13 -18.51 21.04
CA GLY A 309 -24.38 -19.22 20.78
C GLY A 309 -25.34 -19.29 21.96
N LYS A 310 -25.27 -18.29 22.84
CA LYS A 310 -26.09 -18.26 24.04
C LYS A 310 -27.41 -17.53 23.90
N PHE A 311 -27.47 -16.55 23.00
CA PHE A 311 -28.62 -15.66 22.94
C PHE A 311 -29.27 -15.65 21.58
N ARG A 312 -30.53 -15.23 21.56
CA ARG A 312 -31.26 -14.92 20.32
C ARG A 312 -30.59 -13.75 19.58
N ALA A 313 -31.12 -13.38 18.43
CA ALA A 313 -30.55 -12.31 17.60
C ALA A 313 -30.45 -10.97 18.32
N LEU A 314 -29.30 -10.32 18.21
CA LEU A 314 -29.05 -9.02 18.82
C LEU A 314 -29.71 -7.92 18.02
N CYS A 315 -29.84 -8.14 16.71
CA CYS A 315 -30.45 -7.18 15.82
C CYS A 315 -30.75 -7.90 14.52
N GLY A 316 -31.56 -7.29 13.67
CA GLY A 316 -31.99 -7.94 12.44
C GLY A 316 -32.48 -6.93 11.43
N GLY A 317 -32.25 -7.20 10.15
CA GLY A 317 -32.61 -6.22 9.14
C GLY A 317 -32.46 -6.73 7.72
N GLY A 318 -32.61 -5.82 6.76
CA GLY A 318 -32.54 -6.19 5.37
C GLY A 318 -33.11 -5.14 4.43
N ARG A 319 -32.98 -5.42 3.14
CA ARG A 319 -33.54 -4.57 2.10
C ARG A 319 -34.97 -4.96 1.82
N TYR A 320 -35.83 -3.96 1.65
CA TYR A 320 -37.24 -4.17 1.38
C TYR A 320 -37.75 -3.17 0.33
N ASP A 321 -37.48 -3.49 -0.94
CA ASP A 321 -37.69 -2.55 -2.05
C ASP A 321 -39.10 -2.48 -2.59
N ASN A 322 -39.95 -3.42 -2.20
CA ASN A 322 -41.34 -3.41 -2.68
C ASN A 322 -42.36 -2.85 -1.70
N LEU A 323 -42.00 -2.71 -0.42
CA LEU A 323 -42.97 -2.37 0.61
C LEU A 323 -43.75 -1.10 0.28
N LEU A 324 -43.05 -0.07 -0.17
CA LEU A 324 -43.71 1.18 -0.49
C LEU A 324 -44.63 1.05 -1.71
N THR A 325 -44.27 0.21 -2.67
CA THR A 325 -45.17 -0.10 -3.77
C THR A 325 -46.46 -0.78 -3.25
N THR A 326 -46.34 -1.74 -2.35
CA THR A 326 -47.54 -2.42 -1.80
C THR A 326 -48.45 -1.46 -1.02
N TYR A 327 -47.87 -0.40 -0.44
CA TYR A 327 -48.66 0.62 0.26
C TYR A 327 -49.33 1.61 -0.70
N GLY A 328 -48.96 1.58 -1.98
CA GLY A 328 -49.57 2.45 -2.98
C GLY A 328 -48.72 3.57 -3.54
N SER A 329 -47.42 3.57 -3.24
CA SER A 329 -46.50 4.53 -3.86
C SER A 329 -46.54 4.33 -5.37
N PRO A 330 -46.74 5.43 -6.14
CA PRO A 330 -46.73 5.29 -7.60
C PRO A 330 -45.33 4.99 -8.16
N THR A 331 -44.29 5.30 -7.40
CA THR A 331 -42.90 5.02 -7.78
C THR A 331 -42.31 4.01 -6.80
N PRO A 332 -41.59 2.99 -7.31
CA PRO A 332 -40.92 2.13 -6.34
C PRO A 332 -39.88 2.90 -5.54
N ILE A 333 -39.76 2.60 -4.26
CA ILE A 333 -38.82 3.31 -3.42
C ILE A 333 -37.93 2.31 -2.70
N PRO A 334 -36.64 2.26 -3.08
CA PRO A 334 -35.71 1.35 -2.40
C PRO A 334 -35.58 1.71 -0.92
N CYS A 335 -35.49 0.70 -0.07
CA CYS A 335 -35.31 0.89 1.38
C CYS A 335 -34.52 -0.26 1.94
N ALA A 336 -33.77 0.02 2.99
CA ALA A 336 -33.14 -1.02 3.77
C ALA A 336 -33.06 -0.55 5.21
N GLY A 337 -33.03 -1.47 6.14
CA GLY A 337 -32.93 -1.10 7.53
C GLY A 337 -32.84 -2.25 8.50
N PHE A 338 -32.78 -1.92 9.78
CA PHE A 338 -32.73 -2.92 10.83
C PHE A 338 -33.39 -2.47 12.11
N GLY A 339 -33.69 -3.45 12.95
CA GLY A 339 -34.19 -3.27 14.28
C GLY A 339 -33.17 -3.90 15.22
N PHE A 340 -33.02 -3.31 16.40
CA PHE A 340 -31.99 -3.69 17.37
C PHE A 340 -32.65 -3.53 18.73
N GLY A 341 -33.08 -4.64 19.32
CA GLY A 341 -33.88 -4.64 20.54
C GLY A 341 -33.07 -4.29 21.78
N ASP A 342 -33.77 -3.90 22.85
CA ASP A 342 -33.09 -3.47 24.05
C ASP A 342 -32.86 -4.59 25.07
N CYS A 343 -33.35 -5.79 24.81
CA CYS A 343 -33.29 -6.85 25.82
C CYS A 343 -32.10 -7.82 25.64
N VAL A 344 -31.90 -8.35 24.43
CA VAL A 344 -30.83 -9.33 24.21
C VAL A 344 -29.45 -8.71 24.47
N ILE A 345 -29.23 -7.51 23.93
CA ILE A 345 -27.96 -6.80 24.11
C ILE A 345 -27.58 -6.62 25.58
N VAL A 346 -28.57 -6.35 26.42
CA VAL A 346 -28.33 -6.11 27.84
C VAL A 346 -27.87 -7.40 28.53
N GLU A 347 -28.49 -8.51 28.16
CA GLU A 347 -28.08 -9.82 28.66
C GLU A 347 -26.65 -10.15 28.26
N LEU A 348 -26.32 -9.89 27.00
CA LEU A 348 -24.97 -10.13 26.53
C LEU A 348 -23.95 -9.28 27.30
N LEU A 349 -24.23 -7.98 27.41
CA LEU A 349 -23.34 -7.08 28.15
C LEU A 349 -23.18 -7.47 29.61
N GLN A 350 -24.27 -7.89 30.27
CA GLN A 350 -24.21 -8.38 31.65
C GLN A 350 -23.27 -9.59 31.74
N GLU A 351 -23.49 -10.57 30.86
CA GLU A 351 -22.64 -11.77 30.78
C GLU A 351 -21.16 -11.39 30.65
N LYS A 352 -20.87 -10.46 29.75
CA LYS A 352 -19.50 -10.02 29.49
C LYS A 352 -18.95 -9.02 30.52
N ARG A 353 -19.75 -8.69 31.53
CA ARG A 353 -19.34 -7.74 32.60
C ARG A 353 -19.04 -6.35 32.04
N LEU A 354 -19.87 -5.91 31.12
CA LEU A 354 -19.72 -4.62 30.46
C LEU A 354 -20.81 -3.65 30.88
N LEU A 355 -21.63 -4.03 31.85
CA LEU A 355 -22.67 -3.16 32.40
C LEU A 355 -22.40 -2.91 33.88
N PRO A 356 -21.28 -2.26 34.21
CA PRO A 356 -21.09 -1.97 35.63
C PRO A 356 -22.23 -1.11 36.11
N ASP A 357 -22.60 -1.26 37.38
CA ASP A 357 -23.60 -0.37 37.97
C ASP A 357 -23.06 1.05 37.81
N ILE A 358 -23.86 1.90 37.18
CA ILE A 358 -23.49 3.28 36.95
C ILE A 358 -24.21 4.08 38.02
N PRO A 359 -23.49 4.55 39.05
CA PRO A 359 -24.19 5.26 40.12
C PRO A 359 -24.60 6.67 39.71
N HIS A 360 -25.62 7.19 40.37
CA HIS A 360 -26.02 8.57 40.14
C HIS A 360 -24.91 9.53 40.55
N VAL A 361 -24.67 10.57 39.76
CA VAL A 361 -23.68 11.60 40.08
C VAL A 361 -24.32 12.96 40.00
N VAL A 362 -23.76 13.91 40.75
CA VAL A 362 -24.11 15.31 40.67
C VAL A 362 -22.80 16.03 40.99
N ASP A 363 -22.62 17.24 40.49
CA ASP A 363 -21.34 17.92 40.71
C ASP A 363 -21.22 18.43 42.13
N ASP A 364 -22.22 19.18 42.59
CA ASP A 364 -22.17 19.85 43.89
C ASP A 364 -23.40 19.58 44.75
N VAL A 365 -23.18 19.40 46.05
CA VAL A 365 -24.26 19.47 47.02
C VAL A 365 -24.02 20.67 47.94
N VAL A 366 -24.97 21.58 47.95
CA VAL A 366 -24.87 22.80 48.73
C VAL A 366 -25.52 22.57 50.09
N ILE A 367 -24.79 22.85 51.15
CA ILE A 367 -25.23 22.55 52.50
C ILE A 367 -25.34 23.83 53.33
N PRO A 368 -26.57 24.25 53.65
CA PRO A 368 -26.72 25.36 54.59
C PRO A 368 -26.25 24.94 55.97
N PHE A 369 -25.42 25.75 56.61
CA PHE A 369 -24.97 25.42 57.94
C PHE A 369 -26.17 25.22 58.87
N ASP A 370 -27.14 26.11 58.74
CA ASP A 370 -28.43 25.99 59.41
C ASP A 370 -29.46 26.72 58.54
N GLU A 371 -30.70 26.80 59.02
CA GLU A 371 -31.79 27.40 58.23
C GLU A 371 -31.64 28.89 57.99
N SER A 372 -30.95 29.59 58.89
CA SER A 372 -30.69 31.00 58.70
C SER A 372 -29.78 31.24 57.49
N MET A 373 -29.02 30.21 57.09
CA MET A 373 -28.13 30.31 55.93
C MET A 373 -28.76 29.84 54.61
N ARG A 374 -30.02 29.40 54.65
CA ARG A 374 -30.65 28.88 53.46
C ARG A 374 -30.75 29.91 52.33
N PRO A 375 -31.13 31.16 52.65
CA PRO A 375 -31.21 32.12 51.55
C PRO A 375 -29.87 32.29 50.84
N HIS A 376 -28.79 32.38 51.61
CA HIS A 376 -27.48 32.56 51.02
C HIS A 376 -27.09 31.32 50.23
N ALA A 377 -27.39 30.16 50.77
CA ALA A 377 -27.13 28.89 50.11
C ALA A 377 -27.83 28.83 48.74
N LEU A 378 -29.02 29.39 48.67
CA LEU A 378 -29.79 29.41 47.45
C LEU A 378 -29.12 30.29 46.39
N ALA A 379 -28.53 31.39 46.82
CA ALA A 379 -27.78 32.25 45.92
C ALA A 379 -26.55 31.51 45.35
N VAL A 380 -25.90 30.73 46.21
CA VAL A 380 -24.76 29.92 45.79
C VAL A 380 -25.20 28.84 44.80
N LEU A 381 -26.26 28.12 45.15
CA LEU A 381 -26.87 27.12 44.27
C LEU A 381 -27.17 27.71 42.89
N ARG A 382 -27.87 28.86 42.88
CA ARG A 382 -28.14 29.58 41.63
C ARG A 382 -26.87 29.77 40.80
N ARG A 383 -25.81 30.26 41.45
CA ARG A 383 -24.51 30.52 40.79
C ARG A 383 -23.93 29.26 40.16
N LEU A 384 -23.93 28.16 40.92
CA LEU A 384 -23.38 26.90 40.45
C LEU A 384 -24.10 26.41 39.21
N ARG A 385 -25.43 26.46 39.26
CA ARG A 385 -26.25 26.01 38.15
C ARG A 385 -26.12 26.89 36.91
N ASP A 386 -26.00 28.20 37.11
CA ASP A 386 -25.81 29.16 36.00
C ASP A 386 -24.53 28.86 35.21
N ALA A 387 -23.53 28.30 35.88
CA ALA A 387 -22.25 27.97 35.27
C ALA A 387 -22.24 26.61 34.55
N GLY A 388 -23.36 25.90 34.56
CA GLY A 388 -23.48 24.61 33.87
C GLY A 388 -23.20 23.40 34.74
N ARG A 389 -23.22 23.60 36.06
CA ARG A 389 -22.98 22.51 36.98
C ARG A 389 -24.30 21.91 37.44
N SER A 390 -24.27 20.61 37.74
CA SER A 390 -25.41 19.96 38.35
C SER A 390 -25.23 20.06 39.84
N ALA A 391 -26.24 20.59 40.53
CA ALA A 391 -26.13 20.85 41.96
C ALA A 391 -27.46 20.65 42.69
N ASP A 392 -27.39 20.00 43.85
CA ASP A 392 -28.47 19.97 44.80
C ASP A 392 -28.23 20.98 45.91
N ILE A 393 -29.31 21.37 46.57
CA ILE A 393 -29.25 21.96 47.90
C ILE A 393 -29.94 20.98 48.83
N ILE A 394 -29.44 20.83 50.04
CA ILE A 394 -30.14 20.05 51.05
C ILE A 394 -31.47 20.76 51.33
N LEU A 395 -32.59 20.09 51.09
CA LEU A 395 -33.92 20.71 51.12
C LEU A 395 -34.59 20.70 52.50
N ASP A 396 -34.42 19.63 53.26
CA ASP A 396 -34.98 19.61 54.64
C ASP A 396 -33.93 20.05 55.67
N LYS A 397 -34.39 20.21 56.91
CA LYS A 397 -33.51 20.51 58.05
C LYS A 397 -32.76 19.24 58.44
N LYS A 398 -31.44 19.26 58.30
CA LYS A 398 -30.62 18.21 58.91
C LYS A 398 -29.24 18.74 59.34
N LYS A 399 -28.53 17.98 60.17
CA LYS A 399 -27.20 18.40 60.65
C LYS A 399 -26.14 18.18 59.57
N VAL A 400 -25.06 18.95 59.68
CA VAL A 400 -24.04 19.04 58.63
C VAL A 400 -23.49 17.67 58.23
N VAL A 401 -23.12 16.85 59.20
CA VAL A 401 -22.52 15.55 58.88
C VAL A 401 -23.52 14.62 58.17
N GLN A 402 -24.80 14.70 58.52
CA GLN A 402 -25.84 13.95 57.79
C GLN A 402 -26.01 14.48 56.37
N ALA A 403 -25.96 15.79 56.20
CA ALA A 403 -25.97 16.39 54.87
C ALA A 403 -24.80 15.86 54.04
N PHE A 404 -23.62 15.77 54.67
CA PHE A 404 -22.40 15.22 54.05
C PHE A 404 -22.58 13.76 53.64
N ASN A 405 -23.23 12.98 54.48
CA ASN A 405 -23.52 11.60 54.14
C ASN A 405 -24.40 11.49 52.91
N TYR A 406 -25.45 12.31 52.90
CA TYR A 406 -26.39 12.35 51.80
C TYR A 406 -25.69 12.71 50.49
N ALA A 407 -24.80 13.70 50.57
CA ALA A 407 -24.01 14.12 49.41
C ALA A 407 -23.26 12.91 48.85
N ASP A 408 -22.68 12.12 49.73
CA ASP A 408 -21.96 10.92 49.34
C ASP A 408 -22.86 9.84 48.71
N ARG A 409 -24.08 9.69 49.24
CA ARG A 409 -25.08 8.76 48.68
C ARG A 409 -25.47 9.11 47.24
N VAL A 410 -25.67 10.40 46.99
CA VAL A 410 -26.06 10.85 45.65
C VAL A 410 -24.84 11.00 44.72
N GLY A 411 -23.66 10.58 45.18
CA GLY A 411 -22.46 10.55 44.34
C GLY A 411 -21.97 11.94 43.96
N ALA A 412 -22.05 12.87 44.91
CA ALA A 412 -21.61 14.24 44.67
C ALA A 412 -20.09 14.28 44.59
N VAL A 413 -19.58 15.05 43.64
CA VAL A 413 -18.15 15.26 43.51
C VAL A 413 -17.68 16.21 44.61
N ARG A 414 -18.54 17.12 45.02
CA ARG A 414 -18.12 18.25 45.84
C ARG A 414 -19.24 18.70 46.80
N ALA A 415 -18.88 18.88 48.06
CA ALA A 415 -19.79 19.43 49.05
C ALA A 415 -19.45 20.89 49.31
N VAL A 416 -20.46 21.76 49.28
CA VAL A 416 -20.27 23.19 49.47
C VAL A 416 -21.04 23.64 50.72
N LEU A 417 -20.30 23.88 51.80
CA LEU A 417 -20.90 24.26 53.07
C LEU A 417 -21.01 25.78 53.13
N VAL A 418 -22.24 26.26 53.35
CA VAL A 418 -22.52 27.70 53.43
C VAL A 418 -22.74 28.08 54.89
N ALA A 419 -21.66 28.56 55.52
CA ALA A 419 -21.64 28.84 56.96
C ALA A 419 -21.45 30.34 57.19
N PRO A 420 -22.00 30.87 58.29
CA PRO A 420 -22.05 32.32 58.51
C PRO A 420 -20.67 33.00 58.56
N GLU A 421 -19.68 32.33 59.15
CA GLU A 421 -18.34 32.92 59.28
C GLU A 421 -17.71 33.14 57.91
N GLU A 422 -17.74 32.11 57.07
CA GLU A 422 -17.16 32.20 55.73
C GLU A 422 -17.95 33.17 54.85
N TRP A 423 -19.27 33.19 55.02
CA TRP A 423 -20.14 34.06 54.21
C TRP A 423 -19.79 35.53 54.41
N GLU A 424 -19.40 35.89 55.63
CA GLU A 424 -18.93 37.25 55.94
C GLU A 424 -17.65 37.58 55.18
N ARG A 425 -16.78 36.58 54.99
CA ARG A 425 -15.58 36.72 54.14
C ARG A 425 -15.87 36.72 52.64
N GLY A 426 -17.13 36.56 52.25
CA GLY A 426 -17.46 36.33 50.84
C GLY A 426 -16.95 34.97 50.38
N GLU A 427 -17.05 33.98 51.26
CA GLU A 427 -16.52 32.65 50.99
C GLU A 427 -17.49 31.54 51.41
N VAL A 428 -17.17 30.33 50.98
CA VAL A 428 -17.82 29.11 51.42
C VAL A 428 -16.74 28.11 51.72
N GLN A 429 -17.10 27.01 52.39
CA GLN A 429 -16.19 25.89 52.56
C GLN A 429 -16.51 24.82 51.53
N VAL A 430 -15.48 24.36 50.83
CA VAL A 430 -15.62 23.28 49.85
C VAL A 430 -14.89 22.05 50.34
N LYS A 431 -15.47 20.89 50.11
CA LYS A 431 -14.83 19.61 50.45
C LYS A 431 -15.01 18.63 49.30
N MET A 432 -13.92 18.03 48.83
CA MET A 432 -13.98 17.06 47.73
C MET A 432 -14.29 15.67 48.28
N LEU A 433 -15.13 14.92 47.57
CA LEU A 433 -15.56 13.59 48.03
C LEU A 433 -14.98 12.43 47.22
N ARG A 446 -10.15 17.16 54.24
CA ARG A 446 -10.05 18.49 54.85
C ARG A 446 -10.74 19.53 53.99
N GLY A 447 -11.82 20.13 54.52
CA GLY A 447 -12.54 21.19 53.84
C GLY A 447 -11.76 22.48 53.85
N PHE A 448 -12.00 23.35 52.87
CA PHE A 448 -11.31 24.63 52.80
C PHE A 448 -12.14 25.71 52.15
N ALA A 449 -11.69 26.93 52.39
CA ALA A 449 -12.47 28.10 52.06
C ALA A 449 -12.24 28.53 50.62
N VAL A 450 -13.31 28.95 49.95
CA VAL A 450 -13.23 29.39 48.55
C VAL A 450 -14.06 30.64 48.36
N PRO A 451 -13.54 31.66 47.63
CA PRO A 451 -14.39 32.80 47.29
C PRO A 451 -15.53 32.43 46.35
N LEU A 452 -16.71 33.01 46.56
CA LEU A 452 -17.90 32.73 45.76
C LEU A 452 -17.60 32.74 44.26
N ASP A 453 -16.86 33.75 43.81
CA ASP A 453 -16.56 33.92 42.39
C ASP A 453 -15.62 32.83 41.84
N ARG A 454 -14.86 32.17 42.70
CA ARG A 454 -13.93 31.12 42.28
C ARG A 454 -14.51 29.71 42.32
N LEU A 455 -15.79 29.57 42.71
CA LEU A 455 -16.43 28.25 42.77
C LEU A 455 -16.56 27.61 41.40
N VAL A 456 -16.68 28.44 40.37
CA VAL A 456 -16.97 27.97 39.02
C VAL A 456 -15.92 28.44 38.02
N MET B 26 11.98 1.35 13.27
CA MET B 26 13.09 1.80 12.38
C MET B 26 12.77 1.55 10.91
N VAL B 27 13.17 2.48 10.03
CA VAL B 27 12.98 2.30 8.59
C VAL B 27 13.92 1.21 8.08
N GLU B 28 13.60 0.63 6.92
CA GLU B 28 14.47 -0.36 6.32
C GLU B 28 15.78 0.33 5.93
N THR B 29 16.90 -0.17 6.44
CA THR B 29 18.20 0.42 6.12
C THR B 29 18.83 -0.18 4.88
N GLU B 30 18.44 -1.40 4.52
CA GLU B 30 18.97 -2.01 3.30
C GLU B 30 18.40 -1.32 2.07
N PRO B 31 19.18 -1.23 1.00
CA PRO B 31 18.66 -0.66 -0.22
C PRO B 31 17.59 -1.55 -0.87
N VAL B 32 16.90 -1.02 -1.87
CA VAL B 32 15.92 -1.79 -2.62
C VAL B 32 16.62 -3.00 -3.26
N GLN B 33 15.89 -4.11 -3.31
CA GLN B 33 16.38 -5.40 -3.82
C GLN B 33 17.20 -5.30 -5.10
N GLY B 34 18.42 -5.84 -5.05
CA GLY B 34 19.30 -5.86 -6.21
C GLY B 34 20.05 -4.57 -6.53
N CYS B 35 19.97 -3.59 -5.64
CA CYS B 35 20.60 -2.29 -5.86
C CYS B 35 21.64 -2.01 -4.78
N ARG B 36 22.70 -1.27 -5.16
CA ARG B 36 23.82 -1.04 -4.27
C ARG B 36 23.83 0.37 -3.69
N ASP B 37 24.18 0.46 -2.42
CA ASP B 37 24.56 1.72 -1.79
C ASP B 37 26.05 1.97 -2.03
N PHE B 38 26.43 3.25 -2.08
CA PHE B 38 27.82 3.64 -2.21
C PHE B 38 28.16 4.68 -1.14
N PRO B 39 28.38 4.22 0.10
CA PRO B 39 28.91 5.16 1.08
C PRO B 39 30.34 5.53 0.69
N PRO B 40 30.94 6.54 1.36
CA PRO B 40 32.20 7.08 0.85
C PRO B 40 33.29 6.06 0.53
N GLU B 41 33.48 5.07 1.38
CA GLU B 41 34.49 4.02 1.15
C GLU B 41 34.24 3.32 -0.21
N ALA B 42 33.03 2.87 -0.43
CA ALA B 42 32.69 2.19 -1.68
C ALA B 42 32.74 3.16 -2.84
N MET B 43 32.31 4.40 -2.63
CA MET B 43 32.31 5.39 -3.70
C MET B 43 33.72 5.72 -4.18
N ARG B 44 34.70 5.69 -3.27
CA ARG B 44 36.10 5.93 -3.68
C ARG B 44 36.56 4.88 -4.70
N CYS B 45 36.10 3.65 -4.52
CA CYS B 45 36.41 2.56 -5.43
C CYS B 45 35.74 2.76 -6.78
N ARG B 46 34.44 3.04 -6.77
CA ARG B 46 33.69 3.34 -7.99
C ARG B 46 34.33 4.51 -8.72
N ARG B 47 34.71 5.53 -7.96
CA ARG B 47 35.32 6.73 -8.52
C ARG B 47 36.72 6.47 -9.12
N HIS B 48 37.51 5.64 -8.45
CA HIS B 48 38.79 5.20 -8.98
C HIS B 48 38.60 4.56 -10.37
N LEU B 49 37.58 3.71 -10.50
CA LEU B 49 37.29 3.05 -11.76
C LEU B 49 36.78 4.06 -12.79
N PHE B 50 35.84 4.90 -12.38
CA PHE B 50 35.27 5.87 -13.30
C PHE B 50 36.31 6.92 -13.75
N ASP B 51 37.25 7.27 -12.89
CA ASP B 51 38.32 8.18 -13.31
C ASP B 51 39.06 7.61 -14.50
N VAL B 52 39.29 6.30 -14.48
CA VAL B 52 40.02 5.64 -15.55
C VAL B 52 39.18 5.61 -16.82
N PHE B 53 37.88 5.32 -16.69
CA PHE B 53 36.98 5.36 -17.84
C PHE B 53 37.03 6.74 -18.49
N HIS B 54 36.85 7.77 -17.69
CA HIS B 54 36.92 9.15 -18.18
C HIS B 54 38.28 9.49 -18.80
N ALA B 55 39.34 9.14 -18.10
CA ALA B 55 40.67 9.47 -18.55
C ALA B 55 41.00 8.72 -19.86
N THR B 56 40.55 7.47 -19.98
CA THR B 56 40.78 6.74 -21.22
C THR B 56 39.99 7.35 -22.36
N ALA B 57 38.74 7.74 -22.09
CA ALA B 57 37.93 8.41 -23.09
C ALA B 57 38.59 9.71 -23.57
N LYS B 58 39.05 10.52 -22.61
CA LYS B 58 39.77 11.74 -22.96
C LYS B 58 41.03 11.44 -23.78
N THR B 59 41.82 10.49 -23.33
CA THR B 59 43.03 10.10 -24.03
C THR B 59 42.73 9.72 -25.49
N PHE B 60 41.56 9.11 -25.71
CA PHE B 60 41.21 8.59 -27.01
C PHE B 60 40.36 9.56 -27.86
N GLY B 61 40.08 10.75 -27.32
CA GLY B 61 39.35 11.76 -28.07
C GLY B 61 37.83 11.60 -28.13
N PHE B 62 37.27 10.81 -27.23
CA PHE B 62 35.81 10.59 -27.20
C PHE B 62 35.14 11.72 -26.42
N GLU B 63 33.93 12.09 -26.84
CA GLU B 63 33.14 13.14 -26.20
C GLU B 63 32.06 12.54 -25.32
N GLU B 64 31.88 13.09 -24.13
CA GLU B 64 30.85 12.61 -23.21
C GLU B 64 29.43 13.01 -23.64
N TYR B 65 28.48 12.11 -23.38
CA TYR B 65 27.05 12.38 -23.59
C TYR B 65 26.24 11.66 -22.53
N ASP B 66 24.94 11.93 -22.49
CA ASP B 66 24.04 11.26 -21.56
C ASP B 66 22.61 11.37 -22.08
N ALA B 67 21.76 10.47 -21.60
CA ALA B 67 20.36 10.48 -21.96
C ALA B 67 19.57 9.96 -20.76
N PRO B 68 18.24 10.13 -20.76
CA PRO B 68 17.51 9.72 -19.58
C PRO B 68 17.54 8.22 -19.37
N VAL B 69 17.65 7.83 -18.10
CA VAL B 69 17.56 6.44 -17.70
C VAL B 69 16.19 5.85 -18.04
N LEU B 70 15.18 6.71 -18.14
CA LEU B 70 13.85 6.32 -18.57
C LEU B 70 13.73 6.48 -20.09
N GLU B 71 13.38 5.39 -20.79
CA GLU B 71 13.16 5.45 -22.22
C GLU B 71 11.85 4.76 -22.56
N SER B 72 11.33 5.07 -23.74
CA SER B 72 10.18 4.39 -24.29
C SER B 72 10.50 2.90 -24.50
N GLU B 73 9.59 2.03 -24.09
CA GLU B 73 9.76 0.58 -24.24
C GLU B 73 9.96 0.16 -25.70
N GLU B 74 9.25 0.84 -26.59
CA GLU B 74 9.38 0.66 -28.05
C GLU B 74 10.83 0.63 -28.54
N LEU B 75 11.69 1.36 -27.85
CA LEU B 75 13.10 1.44 -28.20
C LEU B 75 13.81 0.07 -28.13
N TYR B 76 13.27 -0.85 -27.32
CA TYR B 76 13.92 -2.14 -27.06
C TYR B 76 13.19 -3.38 -27.60
N ILE B 77 12.19 -3.17 -28.45
CA ILE B 77 11.39 -4.29 -28.95
C ILE B 77 12.01 -4.82 -30.25
N ARG B 78 13.05 -5.65 -30.10
CA ARG B 78 13.81 -6.17 -31.23
C ARG B 78 13.43 -7.59 -31.64
N LYS B 79 12.68 -8.29 -30.79
CA LYS B 79 12.07 -9.57 -31.16
C LYS B 79 13.08 -10.64 -31.61
N ALA B 80 14.25 -10.66 -30.99
CA ALA B 80 15.28 -11.64 -31.33
C ALA B 80 15.61 -12.55 -30.14
N GLY B 81 14.79 -12.53 -29.09
CA GLY B 81 14.98 -13.39 -27.92
C GLY B 81 16.21 -13.06 -27.09
N GLU B 82 16.64 -11.80 -27.13
CA GLU B 82 17.84 -11.39 -26.40
C GLU B 82 17.60 -11.39 -24.90
N GLU B 83 18.60 -11.86 -24.16
CA GLU B 83 18.53 -11.83 -22.70
C GLU B 83 18.35 -10.41 -22.19
N ILE B 84 19.06 -9.47 -22.82
CA ILE B 84 18.99 -8.05 -22.45
C ILE B 84 17.55 -7.48 -22.53
N THR B 85 16.79 -7.88 -23.55
CA THR B 85 15.43 -7.36 -23.76
C THR B 85 14.40 -8.16 -22.97
N GLU B 86 14.64 -9.46 -22.84
CA GLU B 86 13.81 -10.32 -21.99
C GLU B 86 13.75 -9.82 -20.55
N GLN B 87 14.89 -9.41 -20.01
CA GLN B 87 15.00 -9.06 -18.59
C GLN B 87 14.83 -7.56 -18.30
N MET B 88 14.05 -6.89 -19.13
CA MET B 88 13.80 -5.45 -19.00
C MET B 88 13.05 -5.09 -17.73
N PHE B 89 13.52 -4.03 -17.08
CA PHE B 89 12.84 -3.42 -15.95
C PHE B 89 11.85 -2.41 -16.54
N ASN B 90 10.66 -2.87 -16.90
CA ASN B 90 9.66 -2.00 -17.52
C ASN B 90 8.42 -1.80 -16.65
N PHE B 91 7.69 -0.72 -16.90
CA PHE B 91 6.43 -0.45 -16.21
C PHE B 91 5.55 0.52 -16.99
N ILE B 92 4.30 0.61 -16.60
CA ILE B 92 3.32 1.47 -17.27
C ILE B 92 3.09 2.73 -16.44
N THR B 93 3.18 3.88 -17.09
CA THR B 93 2.98 5.17 -16.42
C THR B 93 1.50 5.40 -16.11
N LYS B 94 1.24 6.31 -15.18
CA LYS B 94 -0.10 6.84 -14.91
C LYS B 94 -0.39 7.77 -16.08
N GLY B 95 -1.20 7.32 -17.03
CA GLY B 95 -1.25 7.94 -18.37
C GLY B 95 -1.11 6.94 -19.50
N GLY B 96 -0.54 5.78 -19.17
CA GLY B 96 -0.68 4.59 -20.00
C GLY B 96 0.43 4.32 -21.00
N HIS B 97 1.56 5.01 -20.85
CA HIS B 97 2.67 4.85 -21.79
C HIS B 97 3.60 3.74 -21.31
N ARG B 98 4.09 2.94 -22.26
CA ARG B 98 5.01 1.85 -21.96
C ARG B 98 6.43 2.43 -21.89
N VAL B 99 7.02 2.42 -20.70
CA VAL B 99 8.39 2.89 -20.54
C VAL B 99 9.23 1.83 -19.85
N ALA B 100 10.53 2.02 -19.88
CA ALA B 100 11.46 1.13 -19.21
C ALA B 100 12.69 1.88 -18.72
N LEU B 101 13.28 1.39 -17.65
CA LEU B 101 14.62 1.79 -17.25
C LEU B 101 15.57 1.08 -18.22
N ARG B 102 16.46 1.84 -18.83
CA ARG B 102 17.29 1.31 -19.92
C ARG B 102 18.04 0.07 -19.47
N PRO B 103 17.95 -1.01 -20.25
CA PRO B 103 18.81 -2.17 -20.02
C PRO B 103 20.21 -2.01 -20.63
N GLU B 104 20.33 -1.11 -21.59
CA GLU B 104 21.61 -0.83 -22.23
C GLU B 104 21.54 0.58 -22.78
N MET B 105 22.64 1.10 -23.29
CA MET B 105 22.70 2.49 -23.72
C MET B 105 22.61 2.65 -25.23
N THR B 106 22.95 1.61 -25.97
CA THR B 106 23.13 1.74 -27.42
C THR B 106 21.89 2.24 -28.14
N PRO B 107 20.68 1.80 -27.74
CA PRO B 107 19.48 2.33 -28.37
C PRO B 107 19.27 3.82 -28.09
N SER B 108 19.60 4.28 -26.89
CA SER B 108 19.54 5.69 -26.57
C SER B 108 20.48 6.47 -27.47
N LEU B 109 21.71 5.98 -27.60
CA LEU B 109 22.70 6.60 -28.49
C LEU B 109 22.14 6.74 -29.90
N ALA B 110 21.55 5.66 -30.41
CA ALA B 110 20.99 5.64 -31.75
C ALA B 110 19.89 6.69 -31.88
N ARG B 111 19.05 6.81 -30.85
CA ARG B 111 17.98 7.81 -30.84
C ARG B 111 18.53 9.22 -31.01
N LEU B 112 19.54 9.53 -30.20
CA LEU B 112 20.21 10.83 -30.24
C LEU B 112 20.81 11.10 -31.61
N LEU B 113 21.49 10.11 -32.18
CA LEU B 113 22.11 10.28 -33.51
C LEU B 113 21.06 10.47 -34.61
N LEU B 114 19.97 9.71 -34.52
CA LEU B 114 18.87 9.81 -35.47
C LEU B 114 18.24 11.20 -35.36
N GLY B 115 18.15 11.71 -34.13
CA GLY B 115 17.58 13.04 -33.90
C GLY B 115 18.41 14.16 -34.50
N LYS B 116 19.74 14.01 -34.50
CA LYS B 116 20.59 15.07 -35.04
C LYS B 116 20.58 15.08 -36.56
N GLY B 117 20.45 13.91 -37.18
CA GLY B 117 20.35 13.80 -38.63
C GLY B 117 21.62 14.24 -39.34
N ARG B 118 21.48 15.09 -40.36
CA ARG B 118 22.66 15.59 -41.10
C ARG B 118 23.46 16.62 -40.34
N SER B 119 22.87 17.21 -39.32
CA SER B 119 23.59 18.21 -38.54
C SER B 119 24.75 17.62 -37.73
N LEU B 120 24.79 16.29 -37.58
CA LEU B 120 25.87 15.66 -36.82
C LEU B 120 27.09 15.47 -37.69
N LEU B 121 28.23 15.99 -37.23
CA LEU B 121 29.48 15.86 -37.97
C LEU B 121 30.02 14.46 -37.73
N LEU B 122 30.41 13.80 -38.82
CA LEU B 122 30.97 12.47 -38.77
C LEU B 122 32.41 12.52 -39.27
N PRO B 123 33.32 11.75 -38.66
CA PRO B 123 33.01 10.77 -37.62
C PRO B 123 32.76 11.38 -36.23
N ALA B 124 32.00 10.65 -35.41
CA ALA B 124 31.76 11.02 -34.02
C ALA B 124 32.19 9.90 -33.09
N LYS B 125 32.77 10.29 -31.96
CA LYS B 125 33.23 9.35 -30.96
C LYS B 125 32.63 9.77 -29.62
N TRP B 126 31.63 9.01 -29.16
CA TRP B 126 30.82 9.41 -28.02
C TRP B 126 30.93 8.37 -26.92
N TYR B 127 31.03 8.85 -25.68
CA TYR B 127 31.10 7.94 -24.54
C TYR B 127 30.19 8.41 -23.40
N SER B 128 29.89 7.46 -22.52
CA SER B 128 29.07 7.72 -21.35
CA SER B 128 29.07 7.72 -21.35
C SER B 128 29.25 6.59 -20.35
N ILE B 129 28.86 6.84 -19.10
CA ILE B 129 28.93 5.82 -18.05
C ILE B 129 27.54 5.67 -17.41
N PRO B 130 26.54 5.22 -18.20
CA PRO B 130 25.19 5.07 -17.66
C PRO B 130 25.04 3.94 -16.66
N GLN B 131 24.16 4.14 -15.70
CA GLN B 131 23.59 3.05 -14.96
C GLN B 131 22.52 2.41 -15.82
N CYS B 132 22.54 1.08 -15.89
CA CYS B 132 21.56 0.33 -16.66
C CYS B 132 20.90 -0.70 -15.76
N TRP B 133 19.69 -1.12 -16.15
CA TRP B 133 18.79 -1.86 -15.29
C TRP B 133 18.26 -3.16 -15.88
N ARG B 134 17.88 -4.07 -14.98
CA ARG B 134 17.17 -5.30 -15.35
C ARG B 134 16.29 -5.74 -14.17
N TYR B 135 15.29 -6.56 -14.45
CA TYR B 135 14.39 -7.06 -13.41
C TYR B 135 14.67 -8.53 -13.09
N ARG B 142 20.33 -11.51 -6.79
CA ARG B 142 20.92 -11.12 -8.06
C ARG B 142 20.85 -9.60 -8.28
N ARG B 143 21.83 -9.07 -8.99
CA ARG B 143 21.90 -7.64 -9.28
C ARG B 143 20.82 -7.19 -10.24
N ARG B 144 20.24 -6.03 -10.00
CA ARG B 144 19.28 -5.41 -10.90
C ARG B 144 19.79 -4.12 -11.53
N GLU B 145 21.01 -3.73 -11.21
CA GLU B 145 21.58 -2.50 -11.73
C GLU B 145 23.08 -2.61 -11.79
N HIS B 146 23.63 -1.93 -12.79
CA HIS B 146 25.07 -1.83 -12.92
C HIS B 146 25.38 -0.59 -13.73
N TYR B 147 26.60 -0.08 -13.55
CA TYR B 147 27.13 0.99 -14.37
C TYR B 147 27.92 0.35 -15.49
N GLN B 148 27.84 0.95 -16.67
CA GLN B 148 28.45 0.42 -17.85
C GLN B 148 29.06 1.56 -18.67
N TRP B 149 30.38 1.56 -18.79
CA TRP B 149 31.08 2.46 -19.66
C TRP B 149 30.73 2.08 -21.10
N ASN B 150 30.22 3.04 -21.86
CA ASN B 150 29.97 2.85 -23.27
C ASN B 150 30.91 3.71 -24.08
N MET B 151 31.47 3.13 -25.14
CA MET B 151 32.27 3.86 -26.09
C MET B 151 31.78 3.46 -27.47
N ASP B 152 31.43 4.45 -28.29
CA ASP B 152 30.98 4.16 -29.64
C ASP B 152 31.58 5.13 -30.65
N ILE B 153 31.92 4.58 -31.82
CA ILE B 153 32.42 5.35 -32.96
C ILE B 153 31.40 5.26 -34.07
N VAL B 154 31.02 6.42 -34.60
CA VAL B 154 29.93 6.55 -35.53
C VAL B 154 30.47 7.13 -36.82
N GLY B 155 30.06 6.57 -37.95
CA GLY B 155 30.43 7.10 -39.25
C GLY B 155 31.75 6.61 -39.81
N VAL B 156 32.33 5.58 -39.21
CA VAL B 156 33.56 4.97 -39.70
C VAL B 156 33.27 3.56 -40.22
N LYS B 157 33.45 3.39 -41.53
CA LYS B 157 33.20 2.12 -42.22
C LYS B 157 34.26 1.07 -41.96
N SER B 158 35.50 1.51 -41.74
CA SER B 158 36.62 0.60 -41.71
C SER B 158 36.96 0.10 -40.29
N VAL B 159 37.69 -1.01 -40.25
CA VAL B 159 37.99 -1.70 -38.99
C VAL B 159 38.85 -0.90 -38.00
N SER B 160 39.40 0.21 -38.46
CA SER B 160 40.11 1.13 -37.57
C SER B 160 39.26 1.54 -36.35
N ALA B 161 37.95 1.57 -36.51
CA ALA B 161 37.04 1.86 -35.41
C ALA B 161 37.13 0.76 -34.37
N GLU B 162 36.97 -0.48 -34.81
CA GLU B 162 37.05 -1.62 -33.93
C GLU B 162 38.42 -1.68 -33.26
N VAL B 163 39.46 -1.38 -34.03
CA VAL B 163 40.81 -1.34 -33.51
C VAL B 163 40.92 -0.32 -32.36
N GLU B 164 40.40 0.87 -32.60
CA GLU B 164 40.47 1.92 -31.58
C GLU B 164 39.68 1.53 -30.34
N LEU B 165 38.49 1.00 -30.55
CA LEU B 165 37.60 0.58 -29.45
C LEU B 165 38.26 -0.49 -28.59
N VAL B 166 38.81 -1.51 -29.24
CA VAL B 166 39.51 -2.58 -28.54
C VAL B 166 40.76 -2.04 -27.84
N CYS B 167 41.52 -1.20 -28.51
CA CYS B 167 42.68 -0.59 -27.83
C CYS B 167 42.24 0.21 -26.60
N ALA B 168 41.12 0.93 -26.70
CA ALA B 168 40.63 1.72 -25.55
C ALA B 168 40.26 0.84 -24.34
N ALA B 169 39.60 -0.28 -24.59
CA ALA B 169 39.29 -1.21 -23.50
C ALA B 169 40.55 -1.74 -22.81
N CYS B 170 41.54 -2.14 -23.61
CA CYS B 170 42.79 -2.61 -23.07
C CYS B 170 43.49 -1.52 -22.28
N TRP B 171 43.50 -0.32 -22.86
CA TRP B 171 44.11 0.85 -22.22
C TRP B 171 43.55 1.08 -20.83
N ALA B 172 42.22 1.02 -20.72
CA ALA B 172 41.57 1.16 -19.42
C ALA B 172 42.03 0.09 -18.44
N MET B 173 42.04 -1.15 -18.88
CA MET B 173 42.44 -2.26 -18.03
C MET B 173 43.89 -2.15 -17.59
N ARG B 174 44.78 -1.76 -18.51
CA ARG B 174 46.17 -1.56 -18.16
C ARG B 174 46.30 -0.41 -17.17
N SER B 175 45.52 0.65 -17.37
CA SER B 175 45.57 1.81 -16.49
C SER B 175 45.23 1.43 -15.05
N LEU B 176 44.38 0.43 -14.88
CA LEU B 176 44.02 -0.11 -13.56
C LEU B 176 45.04 -1.11 -12.97
N GLY B 177 46.09 -1.42 -13.73
CA GLY B 177 47.17 -2.27 -13.25
C GLY B 177 47.18 -3.68 -13.80
N LEU B 178 46.24 -4.00 -14.69
CA LEU B 178 46.22 -5.34 -15.30
C LEU B 178 47.23 -5.45 -16.45
N SER B 179 47.74 -6.65 -16.68
CA SER B 179 48.64 -6.91 -17.82
C SER B 179 48.01 -7.87 -18.83
N SER B 180 48.68 -8.07 -19.95
CA SER B 180 48.25 -9.02 -20.96
C SER B 180 48.32 -10.46 -20.45
N LYS B 181 49.07 -10.69 -19.38
CA LYS B 181 49.03 -11.97 -18.67
C LYS B 181 47.74 -12.16 -17.87
N ASP B 182 47.11 -11.06 -17.44
CA ASP B 182 45.90 -11.13 -16.64
C ASP B 182 44.62 -11.25 -17.47
N VAL B 183 44.57 -10.50 -18.57
CA VAL B 183 43.38 -10.39 -19.41
C VAL B 183 43.73 -10.37 -20.88
N GLY B 184 42.69 -10.58 -21.70
CA GLY B 184 42.78 -10.39 -23.15
C GLY B 184 41.42 -10.03 -23.74
N ILE B 185 41.42 -9.73 -25.04
CA ILE B 185 40.20 -9.52 -25.81
C ILE B 185 40.11 -10.56 -26.94
N LYS B 186 39.08 -11.39 -26.90
CA LYS B 186 38.80 -12.35 -27.96
C LYS B 186 38.06 -11.63 -29.05
N VAL B 187 38.46 -11.83 -30.31
CA VAL B 187 37.85 -11.12 -31.44
C VAL B 187 37.42 -12.08 -32.56
N ASN B 188 36.31 -11.74 -33.22
CA ASN B 188 35.75 -12.57 -34.29
C ASN B 188 34.99 -11.66 -35.25
N SER B 189 34.50 -12.20 -36.37
CA SER B 189 33.52 -11.51 -37.21
C SER B 189 32.28 -12.37 -37.42
N ARG B 190 31.11 -11.75 -37.25
CA ARG B 190 29.84 -12.41 -37.53
C ARG B 190 29.64 -12.73 -39.01
N LYS B 191 30.41 -12.11 -39.89
CA LYS B 191 30.26 -12.32 -41.33
C LYS B 191 30.60 -13.74 -41.80
N VAL B 192 31.48 -14.42 -41.08
CA VAL B 192 31.83 -15.79 -41.42
C VAL B 192 30.55 -16.64 -41.31
N LEU B 193 29.94 -16.57 -40.14
CA LEU B 193 28.67 -17.25 -39.88
C LEU B 193 27.52 -16.77 -40.78
N GLN B 194 27.50 -15.47 -41.09
CA GLN B 194 26.51 -14.94 -42.04
C GLN B 194 26.58 -15.69 -43.37
N THR B 195 27.79 -15.84 -43.92
CA THR B 195 27.97 -16.56 -45.19
C THR B 195 27.48 -18.00 -45.10
N VAL B 196 27.90 -18.69 -44.05
CA VAL B 196 27.55 -20.10 -43.84
C VAL B 196 26.03 -20.27 -43.76
N VAL B 197 25.39 -19.39 -43.02
CA VAL B 197 23.93 -19.36 -42.89
C VAL B 197 23.27 -19.03 -44.24
N GLU B 198 23.75 -17.99 -44.89
CA GLU B 198 23.19 -17.55 -46.17
C GLU B 198 23.41 -18.58 -47.28
N GLN B 199 24.53 -19.32 -47.24
CA GLN B 199 24.82 -20.38 -48.23
C GLN B 199 23.88 -21.59 -48.10
N ALA B 200 23.31 -21.77 -46.92
CA ALA B 200 22.36 -22.86 -46.69
C ALA B 200 20.91 -22.51 -47.03
N GLY B 201 20.68 -21.30 -47.56
CA GLY B 201 19.34 -20.86 -47.97
C GLY B 201 18.51 -20.24 -46.85
N VAL B 202 19.12 -20.03 -45.69
CA VAL B 202 18.43 -19.47 -44.53
C VAL B 202 18.18 -17.98 -44.76
N THR B 203 16.94 -17.55 -44.60
CA THR B 203 16.57 -16.14 -44.76
C THR B 203 17.43 -15.24 -43.87
N SER B 204 17.78 -14.07 -44.39
CA SER B 204 18.68 -13.16 -43.68
C SER B 204 18.07 -12.67 -42.36
N ASP B 205 16.73 -12.52 -42.32
CA ASP B 205 16.03 -12.12 -41.10
C ASP B 205 16.18 -13.11 -39.95
N LYS B 206 16.59 -14.35 -40.26
CA LYS B 206 16.87 -15.35 -39.22
C LYS B 206 18.29 -15.25 -38.64
N PHE B 207 19.14 -14.42 -39.21
CA PHE B 207 20.55 -14.38 -38.81
C PHE B 207 20.77 -13.84 -37.38
N ALA B 208 20.04 -12.79 -37.02
CA ALA B 208 20.13 -12.24 -35.67
C ALA B 208 19.74 -13.29 -34.61
N PRO B 209 18.57 -13.94 -34.76
CA PRO B 209 18.22 -15.06 -33.89
C PRO B 209 19.31 -16.12 -33.78
N VAL B 210 19.89 -16.53 -34.91
CA VAL B 210 20.98 -17.52 -34.93
C VAL B 210 22.12 -17.10 -34.03
N CYS B 211 22.55 -15.86 -34.16
CA CYS B 211 23.62 -15.33 -33.29
C CYS B 211 23.22 -15.34 -31.80
N VAL B 212 21.99 -14.94 -31.50
CA VAL B 212 21.48 -14.95 -30.13
C VAL B 212 21.53 -16.37 -29.57
N ILE B 213 21.08 -17.33 -30.38
CA ILE B 213 21.07 -18.74 -29.98
C ILE B 213 22.48 -19.30 -29.79
N VAL B 214 23.32 -19.12 -30.80
CA VAL B 214 24.68 -19.66 -30.81
C VAL B 214 25.56 -19.02 -29.72
N ASP B 215 25.27 -17.78 -29.33
CA ASP B 215 25.92 -17.14 -28.18
C ASP B 215 25.80 -17.99 -26.91
N LYS B 216 24.74 -18.79 -26.80
CA LYS B 216 24.48 -19.57 -25.59
C LYS B 216 25.37 -20.81 -25.40
N MET B 217 26.20 -21.14 -26.40
CA MET B 217 27.06 -22.34 -26.38
C MET B 217 27.79 -22.60 -25.06
N GLU B 218 28.41 -21.56 -24.52
CA GLU B 218 29.14 -21.70 -23.27
C GLU B 218 28.23 -22.07 -22.08
N LYS B 219 27.01 -21.52 -22.09
CA LYS B 219 26.12 -21.54 -20.93
C LYS B 219 25.06 -22.66 -20.92
N ILE B 220 24.70 -23.18 -22.09
CA ILE B 220 23.71 -24.26 -22.19
C ILE B 220 24.27 -25.44 -23.02
N PRO B 221 23.73 -26.66 -22.82
CA PRO B 221 24.26 -27.83 -23.56
C PRO B 221 24.08 -27.70 -25.06
N ARG B 222 25.00 -28.30 -25.83
CA ARG B 222 24.98 -28.23 -27.28
C ARG B 222 23.71 -28.82 -27.88
N GLU B 223 23.14 -29.82 -27.21
CA GLU B 223 21.84 -30.39 -27.62
C GLU B 223 20.74 -29.33 -27.64
N GLU B 224 20.69 -28.50 -26.59
CA GLU B 224 19.70 -27.43 -26.48
C GLU B 224 19.91 -26.32 -27.52
N VAL B 225 21.17 -25.92 -27.74
CA VAL B 225 21.49 -24.92 -28.77
C VAL B 225 21.06 -25.44 -30.14
N GLU B 226 21.37 -26.71 -30.41
CA GLU B 226 20.92 -27.39 -31.63
C GLU B 226 19.40 -27.41 -31.74
N ALA B 227 18.73 -27.73 -30.64
CA ALA B 227 17.26 -27.76 -30.59
C ALA B 227 16.64 -26.39 -30.91
N GLN B 228 17.20 -25.33 -30.35
CA GLN B 228 16.70 -23.97 -30.59
C GLN B 228 16.83 -23.52 -32.04
N LEU B 229 17.93 -23.92 -32.69
CA LEU B 229 18.15 -23.62 -34.10
C LEU B 229 17.15 -24.36 -35.00
N ALA B 230 16.82 -25.59 -34.62
CA ALA B 230 15.79 -26.36 -35.32
C ALA B 230 14.45 -25.62 -35.27
N VAL B 231 14.10 -25.12 -34.08
CA VAL B 231 12.87 -24.35 -33.88
C VAL B 231 12.84 -23.08 -34.71
N LEU B 232 14.00 -22.46 -34.89
CA LEU B 232 14.11 -21.30 -35.77
C LEU B 232 13.87 -21.70 -37.23
N GLY B 233 14.09 -22.97 -37.55
CA GLY B 233 13.73 -23.55 -38.85
C GLY B 233 14.90 -24.06 -39.68
N LEU B 234 16.03 -24.34 -39.04
CA LEU B 234 17.25 -24.78 -39.71
C LEU B 234 17.38 -26.31 -39.64
N GLU B 235 17.67 -26.93 -40.78
CA GLU B 235 17.85 -28.38 -40.84
C GLU B 235 19.21 -28.79 -40.27
N PRO B 236 19.37 -30.07 -39.87
CA PRO B 236 20.58 -30.59 -39.24
C PRO B 236 21.92 -30.26 -39.91
N THR B 237 22.03 -30.42 -41.24
CA THR B 237 23.30 -30.19 -41.93
C THR B 237 23.75 -28.72 -41.80
N VAL B 238 22.77 -27.82 -41.71
CA VAL B 238 23.03 -26.38 -41.52
C VAL B 238 23.52 -26.11 -40.10
N VAL B 239 22.95 -26.82 -39.13
CA VAL B 239 23.38 -26.75 -37.73
C VAL B 239 24.81 -27.28 -37.57
N ASP B 240 25.15 -28.34 -38.30
CA ASP B 240 26.52 -28.88 -38.33
C ASP B 240 27.54 -27.89 -38.87
N ALA B 241 27.18 -27.21 -39.96
CA ALA B 241 28.07 -26.25 -40.58
C ALA B 241 28.30 -25.09 -39.61
N ILE B 242 27.22 -24.64 -38.97
CA ILE B 242 27.32 -23.62 -37.92
C ILE B 242 28.28 -24.05 -36.80
N THR B 243 28.09 -25.25 -36.29
CA THR B 243 28.91 -25.79 -35.20
C THR B 243 30.40 -25.90 -35.59
N THR B 244 30.65 -26.41 -36.79
CA THR B 244 32.03 -26.56 -37.28
C THR B 244 32.75 -25.23 -37.39
N THR B 245 32.05 -24.21 -37.87
CA THR B 245 32.70 -22.90 -38.08
C THR B 245 33.04 -22.20 -36.75
N LEU B 246 32.23 -22.43 -35.71
CA LEU B 246 32.51 -21.91 -34.38
C LEU B 246 33.73 -22.59 -33.74
N SER B 247 34.13 -23.75 -34.28
CA SER B 247 35.25 -24.52 -33.76
C SER B 247 36.57 -24.30 -34.50
N LEU B 248 36.52 -23.53 -35.59
CA LEU B 248 37.74 -23.23 -36.36
C LEU B 248 38.68 -22.40 -35.48
N LYS B 249 39.97 -22.74 -35.47
CA LYS B 249 40.86 -22.23 -34.43
C LYS B 249 41.82 -21.10 -34.88
N SER B 250 41.79 -20.75 -36.16
CA SER B 250 42.63 -19.68 -36.68
C SER B 250 41.96 -18.98 -37.85
N ILE B 251 42.49 -17.82 -38.20
CA ILE B 251 42.03 -17.07 -39.37
C ILE B 251 42.39 -17.80 -40.66
N ASP B 252 43.53 -18.48 -40.66
CA ASP B 252 43.92 -19.28 -41.82
C ASP B 252 42.88 -20.37 -42.10
N GLU B 253 42.36 -20.98 -41.02
CA GLU B 253 41.34 -22.01 -41.15
C GLU B 253 40.01 -21.42 -41.66
N ILE B 254 39.69 -20.21 -41.23
CA ILE B 254 38.56 -19.49 -41.82
C ILE B 254 38.82 -19.28 -43.31
N ALA B 255 40.04 -18.85 -43.66
CA ALA B 255 40.41 -18.58 -45.06
C ALA B 255 40.28 -19.83 -45.94
N GLN B 256 40.63 -20.99 -45.39
CA GLN B 256 40.47 -22.27 -46.10
C GLN B 256 39.00 -22.54 -46.42
N ARG B 257 38.12 -22.24 -45.48
CA ARG B 257 36.71 -22.59 -45.62
C ARG B 257 35.93 -21.60 -46.48
N VAL B 258 36.20 -20.29 -46.34
CA VAL B 258 35.41 -19.27 -47.06
C VAL B 258 36.21 -18.42 -48.05
N GLY B 259 37.52 -18.64 -48.12
CA GLY B 259 38.38 -17.87 -48.99
C GLY B 259 39.09 -16.72 -48.29
N GLU B 260 40.33 -16.50 -48.72
CA GLU B 260 41.16 -15.40 -48.20
C GLU B 260 40.54 -14.02 -48.52
N GLU B 261 39.81 -13.93 -49.63
CA GLU B 261 39.16 -12.69 -50.05
C GLU B 261 37.86 -12.38 -49.36
N HIS B 262 37.38 -13.30 -48.53
CA HIS B 262 36.16 -13.08 -47.78
C HIS B 262 36.33 -11.89 -46.83
N GLU B 263 35.32 -11.04 -46.77
CA GLU B 263 35.38 -9.78 -46.00
C GLU B 263 35.89 -9.98 -44.56
N ALA B 264 35.34 -10.96 -43.89
CA ALA B 264 35.76 -11.29 -42.52
C ALA B 264 37.25 -11.53 -42.40
N VAL B 265 37.83 -12.29 -43.33
CA VAL B 265 39.26 -12.58 -43.28
C VAL B 265 40.05 -11.28 -43.48
N LYS B 266 39.69 -10.56 -44.52
CA LYS B 266 40.32 -9.27 -44.86
C LYS B 266 40.26 -8.35 -43.65
N GLU B 267 39.07 -8.22 -43.08
CA GLU B 267 38.86 -7.29 -41.98
C GLU B 267 39.59 -7.70 -40.70
N LEU B 268 39.56 -8.99 -40.37
CA LEU B 268 40.25 -9.49 -39.18
C LEU B 268 41.77 -9.35 -39.32
N ARG B 269 42.30 -9.54 -40.52
CA ARG B 269 43.75 -9.37 -40.76
C ARG B 269 44.17 -7.93 -40.52
N GLN B 270 43.46 -7.01 -41.15
CA GLN B 270 43.69 -5.58 -40.95
C GLN B 270 43.62 -5.25 -39.46
N PHE B 271 42.57 -5.72 -38.79
CA PHE B 271 42.39 -5.49 -37.36
C PHE B 271 43.62 -5.89 -36.56
N PHE B 272 44.06 -7.14 -36.69
CA PHE B 272 45.21 -7.59 -35.91
C PHE B 272 46.49 -6.84 -36.26
N GLU B 273 46.65 -6.51 -37.53
CA GLU B 273 47.80 -5.74 -37.97
C GLU B 273 47.84 -4.37 -37.28
N GLN B 274 46.68 -3.73 -37.20
CA GLN B 274 46.61 -2.40 -36.60
C GLN B 274 46.84 -2.41 -35.09
N VAL B 275 46.23 -3.38 -34.40
CA VAL B 275 46.47 -3.53 -32.96
C VAL B 275 47.95 -3.78 -32.69
N GLU B 276 48.57 -4.62 -33.51
CA GLU B 276 49.99 -4.95 -33.37
C GLU B 276 50.81 -3.68 -33.50
N ALA B 277 50.50 -2.86 -34.51
CA ALA B 277 51.21 -1.60 -34.76
C ALA B 277 51.05 -0.62 -33.60
N TYR B 278 49.88 -0.60 -32.99
CA TYR B 278 49.60 0.26 -31.84
C TYR B 278 50.36 -0.22 -30.60
N GLY B 279 50.84 -1.46 -30.61
CA GLY B 279 51.65 -2.02 -29.53
C GLY B 279 50.86 -2.86 -28.53
N TYR B 280 49.62 -3.22 -28.86
CA TYR B 280 48.79 -4.02 -27.95
C TYR B 280 48.54 -5.44 -28.49
N GLY B 281 49.45 -5.94 -29.33
CA GLY B 281 49.34 -7.27 -29.90
C GLY B 281 49.15 -8.40 -28.91
N ASP B 282 49.83 -8.32 -27.77
CA ASP B 282 49.74 -9.38 -26.75
C ASP B 282 48.37 -9.44 -26.08
N TRP B 283 47.56 -8.38 -26.24
CA TRP B 283 46.28 -8.29 -25.57
C TRP B 283 45.12 -8.89 -26.35
N VAL B 284 45.32 -9.15 -27.64
CA VAL B 284 44.21 -9.57 -28.50
C VAL B 284 44.49 -10.93 -29.14
N LEU B 285 43.42 -11.63 -29.50
CA LEU B 285 43.50 -12.94 -30.11
C LEU B 285 42.20 -13.28 -30.83
N PHE B 286 42.29 -14.23 -31.75
CA PHE B 286 41.15 -14.68 -32.52
C PHE B 286 40.43 -15.80 -31.81
N ASP B 287 39.10 -15.74 -31.79
CA ASP B 287 38.29 -16.82 -31.27
C ASP B 287 37.00 -16.92 -32.07
N ALA B 288 36.84 -17.99 -32.84
CA ALA B 288 35.70 -18.17 -33.75
C ALA B 288 34.36 -18.40 -33.06
N SER B 289 34.37 -18.68 -31.75
CA SER B 289 33.15 -18.92 -30.99
C SER B 289 32.51 -17.64 -30.42
N VAL B 290 33.19 -16.51 -30.54
CA VAL B 290 32.66 -15.25 -30.04
C VAL B 290 31.65 -14.65 -31.02
N VAL B 291 30.39 -14.55 -30.58
CA VAL B 291 29.37 -13.89 -31.39
C VAL B 291 28.67 -12.73 -30.67
N ARG B 292 28.67 -12.75 -29.34
CA ARG B 292 27.86 -11.86 -28.51
C ARG B 292 26.35 -12.14 -28.66
N GLY B 293 25.57 -11.70 -27.66
CA GLY B 293 24.15 -12.00 -27.60
C GLY B 293 23.22 -10.91 -28.09
N LEU B 294 23.75 -9.86 -28.67
CA LEU B 294 22.90 -8.77 -29.14
C LEU B 294 22.51 -8.98 -30.61
N ALA B 295 21.27 -8.60 -30.93
CA ALA B 295 20.75 -8.82 -32.27
C ALA B 295 21.58 -8.07 -33.31
N TYR B 296 22.05 -6.88 -32.95
CA TYR B 296 22.41 -5.87 -33.95
C TYR B 296 23.81 -5.91 -34.51
N TYR B 297 24.70 -6.73 -33.96
CA TYR B 297 26.06 -6.79 -34.50
C TYR B 297 26.09 -7.41 -35.90
N THR B 298 26.75 -6.73 -36.82
CA THR B 298 26.84 -7.15 -38.22
C THR B 298 28.23 -7.61 -38.65
N GLY B 299 29.27 -7.20 -37.92
CA GLY B 299 30.64 -7.43 -38.37
C GLY B 299 31.50 -7.96 -37.24
N ILE B 300 32.65 -7.33 -37.04
CA ILE B 300 33.55 -7.70 -35.96
C ILE B 300 32.86 -7.59 -34.60
N VAL B 301 33.08 -8.59 -33.76
CA VAL B 301 32.62 -8.62 -32.36
C VAL B 301 33.77 -9.02 -31.47
N PHE B 302 33.71 -8.63 -30.21
CA PHE B 302 34.78 -8.92 -29.29
C PHE B 302 34.31 -8.91 -27.85
N GLU B 303 35.10 -9.55 -26.98
CA GLU B 303 34.85 -9.49 -25.55
C GLU B 303 36.11 -9.71 -24.74
N GLY B 304 36.21 -9.00 -23.64
CA GLY B 304 37.35 -9.09 -22.77
C GLY B 304 37.12 -10.20 -21.78
N PHE B 305 38.19 -10.86 -21.38
CA PHE B 305 38.08 -11.99 -20.49
C PHE B 305 39.32 -12.06 -19.62
N ASP B 306 39.16 -12.56 -18.40
CA ASP B 306 40.31 -12.87 -17.56
C ASP B 306 40.90 -14.22 -18.01
N ARG B 307 42.23 -14.26 -18.11
CA ARG B 307 42.93 -15.44 -18.61
C ARG B 307 43.02 -16.61 -17.63
N GLU B 308 42.45 -16.46 -16.42
CA GLU B 308 42.30 -17.58 -15.49
C GLU B 308 40.94 -18.28 -15.64
N GLY B 309 40.04 -17.75 -16.45
CA GLY B 309 38.72 -18.37 -16.66
C GLY B 309 37.80 -18.34 -15.46
N LYS B 310 37.98 -17.34 -14.60
CA LYS B 310 37.19 -17.25 -13.36
C LYS B 310 35.94 -16.40 -13.47
N PHE B 311 35.93 -15.44 -14.38
CA PHE B 311 34.85 -14.46 -14.41
C PHE B 311 34.18 -14.41 -15.76
N ARG B 312 32.96 -13.89 -15.75
CA ARG B 312 32.21 -13.58 -16.97
C ARG B 312 32.96 -12.48 -17.74
N ALA B 313 32.45 -12.11 -18.91
CA ALA B 313 33.09 -11.11 -19.76
C ALA B 313 33.30 -9.77 -19.07
N LEU B 314 34.49 -9.19 -19.22
CA LEU B 314 34.83 -7.90 -18.64
C LEU B 314 34.22 -6.77 -19.45
N CYS B 315 34.05 -6.99 -20.75
CA CYS B 315 33.50 -6.00 -21.64
C CYS B 315 33.11 -6.71 -22.92
N GLY B 316 32.31 -6.06 -23.74
CA GLY B 316 31.77 -6.70 -24.94
C GLY B 316 31.31 -5.68 -25.93
N GLY B 317 31.50 -5.98 -27.21
CA GLY B 317 31.21 -4.98 -28.23
C GLY B 317 31.24 -5.52 -29.64
N GLY B 318 31.09 -4.61 -30.60
CA GLY B 318 31.11 -4.98 -32.01
C GLY B 318 30.62 -3.90 -32.94
N ARG B 319 30.70 -4.19 -34.23
CA ARG B 319 30.15 -3.31 -35.26
C ARG B 319 28.68 -3.61 -35.48
N TYR B 320 27.89 -2.54 -35.63
CA TYR B 320 26.45 -2.66 -35.86
C TYR B 320 25.96 -1.65 -36.91
N ASP B 321 26.17 -1.99 -38.17
CA ASP B 321 25.97 -1.06 -39.29
C ASP B 321 24.54 -0.91 -39.78
N ASN B 322 23.64 -1.79 -39.34
CA ASN B 322 22.25 -1.70 -39.75
C ASN B 322 21.30 -1.06 -38.73
N LEU B 323 21.73 -0.92 -37.48
CA LEU B 323 20.82 -0.50 -36.41
C LEU B 323 20.09 0.78 -36.74
N LEU B 324 20.84 1.75 -37.26
CA LEU B 324 20.25 3.04 -37.56
C LEU B 324 19.27 2.95 -38.72
N THR B 325 19.54 2.07 -39.68
CA THR B 325 18.56 1.79 -40.73
C THR B 325 17.26 1.22 -40.13
N THR B 326 17.36 0.27 -39.21
CA THR B 326 16.16 -0.32 -38.60
C THR B 326 15.34 0.72 -37.81
N TYR B 327 16.00 1.74 -37.28
CA TYR B 327 15.31 2.84 -36.56
C TYR B 327 14.66 3.85 -37.51
N GLY B 328 14.96 3.77 -38.81
CA GLY B 328 14.36 4.66 -39.81
C GLY B 328 15.28 5.70 -40.43
N SER B 329 16.59 5.62 -40.19
CA SER B 329 17.54 6.49 -40.86
C SER B 329 17.42 6.29 -42.36
N PRO B 330 17.30 7.38 -43.14
CA PRO B 330 17.24 7.25 -44.60
C PRO B 330 18.57 6.85 -45.22
N THR B 331 19.67 7.09 -44.50
CA THR B 331 21.01 6.71 -44.92
C THR B 331 21.56 5.67 -43.94
N PRO B 332 22.22 4.61 -44.46
CA PRO B 332 22.86 3.71 -43.50
C PRO B 332 23.99 4.42 -42.77
N ILE B 333 24.14 4.14 -41.48
CA ILE B 333 25.16 4.79 -40.69
C ILE B 333 26.02 3.76 -39.99
N PRO B 334 27.29 3.64 -40.42
CA PRO B 334 28.17 2.69 -39.76
C PRO B 334 28.39 3.06 -38.29
N CYS B 335 28.45 2.06 -37.42
CA CYS B 335 28.69 2.26 -36.00
C CYS B 335 29.42 1.05 -35.45
N ALA B 336 30.24 1.28 -34.43
CA ALA B 336 30.84 0.20 -33.67
C ALA B 336 31.00 0.69 -32.24
N GLY B 337 31.02 -0.24 -31.29
CA GLY B 337 31.18 0.15 -29.91
C GLY B 337 31.23 -0.99 -28.93
N PHE B 338 31.37 -0.64 -27.65
CA PHE B 338 31.39 -1.63 -26.59
C PHE B 338 30.81 -1.11 -25.28
N GLY B 339 30.50 -2.06 -24.43
CA GLY B 339 30.04 -1.82 -23.09
C GLY B 339 31.03 -2.52 -22.17
N PHE B 340 31.24 -1.93 -21.01
CA PHE B 340 32.25 -2.37 -20.08
C PHE B 340 31.67 -2.16 -18.69
N GLY B 341 31.19 -3.22 -18.07
CA GLY B 341 30.46 -3.13 -16.81
C GLY B 341 31.32 -2.80 -15.62
N ASP B 342 30.69 -2.37 -14.53
CA ASP B 342 31.44 -1.96 -13.35
C ASP B 342 31.62 -3.08 -12.33
N CYS B 343 31.02 -4.25 -12.56
CA CYS B 343 31.02 -5.29 -11.53
C CYS B 343 32.11 -6.35 -11.74
N VAL B 344 32.21 -6.92 -12.95
CA VAL B 344 33.21 -7.98 -13.18
C VAL B 344 34.64 -7.45 -13.00
N ILE B 345 34.94 -6.28 -13.56
CA ILE B 345 36.27 -5.67 -13.43
C ILE B 345 36.71 -5.50 -11.98
N VAL B 346 35.78 -5.12 -11.10
CA VAL B 346 36.08 -4.89 -9.69
C VAL B 346 36.44 -6.21 -8.99
N GLU B 347 35.72 -7.27 -9.31
CA GLU B 347 36.04 -8.60 -8.80
C GLU B 347 37.42 -9.05 -9.25
N LEU B 348 37.73 -8.84 -10.52
CA LEU B 348 39.04 -9.19 -11.05
C LEU B 348 40.14 -8.43 -10.31
N LEU B 349 39.97 -7.12 -10.21
CA LEU B 349 40.95 -6.28 -9.52
C LEU B 349 41.13 -6.66 -8.06
N GLN B 350 40.03 -6.99 -7.37
CA GLN B 350 40.11 -7.47 -5.98
C GLN B 350 40.93 -8.76 -5.90
N GLU B 351 40.59 -9.73 -6.75
CA GLU B 351 41.34 -11.00 -6.84
C GLU B 351 42.84 -10.75 -7.04
N LYS B 352 43.18 -9.86 -7.96
CA LYS B 352 44.58 -9.53 -8.27
C LYS B 352 45.24 -8.58 -7.26
N ARG B 353 44.51 -8.16 -6.23
CA ARG B 353 45.03 -7.24 -5.20
C ARG B 353 45.45 -5.91 -5.80
N LEU B 354 44.62 -5.40 -6.70
CA LEU B 354 44.84 -4.13 -7.38
C LEU B 354 43.85 -3.05 -6.94
N LEU B 355 43.02 -3.35 -5.93
CA LEU B 355 42.11 -2.38 -5.36
C LEU B 355 42.44 -2.14 -3.90
N PRO B 356 43.62 -1.56 -3.62
CA PRO B 356 43.87 -1.22 -2.22
C PRO B 356 42.84 -0.20 -1.76
N ASP B 357 42.47 -0.24 -0.48
CA ASP B 357 41.61 0.80 0.07
C ASP B 357 42.28 2.14 -0.16
N ILE B 358 41.57 3.06 -0.78
CA ILE B 358 42.05 4.42 -0.98
C ILE B 358 41.43 5.26 0.13
N PRO B 359 42.23 5.69 1.12
CA PRO B 359 41.63 6.47 2.21
C PRO B 359 41.31 7.89 1.78
N HIS B 360 40.36 8.52 2.47
CA HIS B 360 40.04 9.91 2.21
C HIS B 360 41.24 10.79 2.59
N VAL B 361 41.53 11.79 1.76
CA VAL B 361 42.60 12.75 2.06
C VAL B 361 42.07 14.18 1.95
N VAL B 362 42.70 15.08 2.67
CA VAL B 362 42.45 16.51 2.57
C VAL B 362 43.81 17.16 2.85
N ASP B 363 44.06 18.35 2.33
CA ASP B 363 45.39 18.94 2.52
C ASP B 363 45.57 19.46 3.95
N ASP B 364 44.65 20.30 4.42
CA ASP B 364 44.77 20.98 5.71
C ASP B 364 43.54 20.81 6.59
N VAL B 365 43.77 20.64 7.88
CA VAL B 365 42.72 20.77 8.86
C VAL B 365 43.09 21.94 9.77
N VAL B 366 42.21 22.93 9.79
CA VAL B 366 42.43 24.14 10.56
C VAL B 366 41.79 23.97 11.92
N ILE B 367 42.57 24.22 12.97
CA ILE B 367 42.13 23.97 14.34
C ILE B 367 42.13 25.26 15.15
N PRO B 368 40.94 25.75 15.52
CA PRO B 368 40.88 26.86 16.44
C PRO B 368 41.35 26.44 17.82
N PHE B 369 42.25 27.19 18.44
CA PHE B 369 42.70 26.83 19.78
C PHE B 369 41.52 26.73 20.72
N ASP B 370 40.60 27.68 20.60
CA ASP B 370 39.32 27.65 21.28
C ASP B 370 38.32 28.44 20.44
N GLU B 371 37.09 28.62 20.94
CA GLU B 371 36.04 29.29 20.17
C GLU B 371 36.29 30.75 19.91
N SER B 372 37.04 31.41 20.79
CA SER B 372 37.41 32.80 20.58
C SER B 372 38.30 32.97 19.36
N MET B 373 38.99 31.89 18.95
CA MET B 373 39.85 31.91 17.76
C MET B 373 39.16 31.49 16.46
N ARG B 374 37.87 31.15 16.52
CA ARG B 374 37.16 30.64 15.35
C ARG B 374 37.12 31.67 14.20
N PRO B 375 36.81 32.94 14.52
CA PRO B 375 36.80 33.90 13.42
C PRO B 375 38.14 33.97 12.69
N HIS B 376 39.25 33.98 13.43
CA HIS B 376 40.56 34.06 12.82
C HIS B 376 40.84 32.79 12.03
N ALA B 377 40.47 31.65 12.60
CA ALA B 377 40.61 30.36 11.92
C ALA B 377 39.88 30.32 10.58
N LEU B 378 38.73 30.97 10.53
CA LEU B 378 37.95 31.06 9.31
C LEU B 378 38.66 31.86 8.24
N ALA B 379 39.35 32.93 8.65
CA ALA B 379 40.13 33.72 7.71
C ALA B 379 41.27 32.89 7.14
N VAL B 380 41.88 32.08 7.98
CA VAL B 380 42.96 31.19 7.54
C VAL B 380 42.41 30.16 6.56
N LEU B 381 41.29 29.53 6.93
CA LEU B 381 40.61 28.55 6.08
C LEU B 381 40.32 29.13 4.71
N ARG B 382 39.71 30.32 4.70
CA ARG B 382 39.45 31.04 3.44
C ARG B 382 40.72 31.12 2.58
N ARG B 383 41.81 31.56 3.20
CA ARG B 383 43.09 31.74 2.50
C ARG B 383 43.60 30.42 1.89
N LEU B 384 43.53 29.34 2.66
CA LEU B 384 43.98 28.04 2.20
C LEU B 384 43.20 27.59 0.98
N ARG B 385 41.88 27.71 1.06
CA ARG B 385 41.00 27.30 -0.03
C ARG B 385 41.17 28.16 -1.28
N ASP B 386 41.38 29.47 -1.10
CA ASP B 386 41.62 30.39 -2.25
C ASP B 386 42.85 30.00 -3.04
N ALA B 387 43.82 29.39 -2.37
CA ALA B 387 45.06 28.96 -3.00
C ALA B 387 44.96 27.60 -3.69
N GLY B 388 43.78 26.98 -3.68
CA GLY B 388 43.56 25.71 -4.35
C GLY B 388 43.76 24.49 -3.46
N ARG B 389 43.79 24.70 -2.15
CA ARG B 389 43.97 23.59 -1.21
C ARG B 389 42.63 23.09 -0.72
N SER B 390 42.57 21.80 -0.40
CA SER B 390 41.40 21.23 0.23
C SER B 390 41.63 21.34 1.72
N ALA B 391 40.67 21.94 2.42
CA ALA B 391 40.82 22.21 3.84
C ALA B 391 39.51 22.12 4.59
N ASP B 392 39.57 21.49 5.77
CA ASP B 392 38.50 21.54 6.74
C ASP B 392 38.84 22.56 7.82
N ILE B 393 37.81 23.05 8.50
CA ILE B 393 37.96 23.63 9.81
C ILE B 393 37.22 22.74 10.79
N ILE B 394 37.75 22.57 12.00
CA ILE B 394 37.02 21.82 13.02
C ILE B 394 35.76 22.60 13.33
N LEU B 395 34.60 21.98 13.10
CA LEU B 395 33.32 22.70 13.19
C LEU B 395 32.69 22.68 14.59
N ASP B 396 32.84 21.57 15.29
CA ASP B 396 32.33 21.43 16.66
C ASP B 396 33.35 21.90 17.71
N LYS B 397 32.90 22.03 18.94
CA LYS B 397 33.76 22.40 20.06
C LYS B 397 34.61 21.20 20.46
N LYS B 398 35.92 21.30 20.23
CA LYS B 398 36.84 20.24 20.62
C LYS B 398 38.09 20.80 21.26
N LYS B 399 38.68 20.01 22.14
CA LYS B 399 40.02 20.28 22.62
C LYS B 399 41.03 19.91 21.53
N VAL B 400 42.18 20.55 21.60
CA VAL B 400 43.17 20.51 20.53
C VAL B 400 43.57 19.08 20.17
N VAL B 401 43.88 18.26 21.17
CA VAL B 401 44.33 16.90 20.90
C VAL B 401 43.23 16.06 20.20
N GLN B 402 41.97 16.29 20.54
CA GLN B 402 40.85 15.62 19.85
C GLN B 402 40.75 16.11 18.41
N ALA B 403 40.92 17.41 18.20
CA ALA B 403 40.96 17.97 16.85
C ALA B 403 42.07 17.34 16.01
N PHE B 404 43.23 17.19 16.63
CA PHE B 404 44.36 16.54 15.99
C PHE B 404 44.08 15.09 15.63
N ASN B 405 43.39 14.38 16.51
CA ASN B 405 43.02 13.00 16.20
C ASN B 405 42.14 12.95 14.97
N TYR B 406 41.16 13.85 14.94
CA TYR B 406 40.21 13.94 13.84
C TYR B 406 40.90 14.22 12.53
N ALA B 407 41.85 15.15 12.55
CA ALA B 407 42.64 15.47 11.38
C ALA B 407 43.30 14.23 10.83
N ASP B 408 43.84 13.42 11.74
CA ASP B 408 44.48 12.17 11.37
C ASP B 408 43.49 11.16 10.77
N ARG B 409 42.27 11.10 11.31
CA ARG B 409 41.20 10.21 10.79
C ARG B 409 40.81 10.55 9.36
N VAL B 410 40.69 11.84 9.06
CA VAL B 410 40.30 12.28 7.72
C VAL B 410 41.49 12.33 6.76
N GLY B 411 42.65 11.84 7.21
CA GLY B 411 43.81 11.72 6.34
C GLY B 411 44.39 13.06 5.92
N ALA B 412 44.40 14.01 6.84
CA ALA B 412 44.93 15.33 6.57
C ALA B 412 46.44 15.27 6.43
N VAL B 413 46.98 15.98 5.45
CA VAL B 413 48.42 16.10 5.27
C VAL B 413 48.99 17.02 6.35
N ARG B 414 48.21 18.01 6.77
CA ARG B 414 48.74 19.10 7.58
C ARG B 414 47.69 19.64 8.55
N ALA B 415 48.08 19.81 9.81
CA ALA B 415 47.22 20.42 10.82
C ALA B 415 47.69 21.85 11.07
N VAL B 416 46.74 22.79 11.05
CA VAL B 416 47.04 24.20 11.22
C VAL B 416 46.34 24.72 12.47
N LEU B 417 47.11 24.90 13.53
CA LEU B 417 46.57 25.34 14.81
C LEU B 417 46.57 26.87 14.85
N VAL B 418 45.39 27.43 15.09
CA VAL B 418 45.21 28.88 15.17
C VAL B 418 45.06 29.28 16.64
N ALA B 419 46.17 29.69 17.24
CA ALA B 419 46.22 30.00 18.67
C ALA B 419 46.52 31.48 18.90
N PRO B 420 45.99 32.06 20.01
CA PRO B 420 46.06 33.51 20.23
C PRO B 420 47.47 34.08 20.27
N GLU B 421 48.42 33.34 20.85
CA GLU B 421 49.79 33.83 20.96
C GLU B 421 50.44 33.99 19.58
N GLU B 422 50.36 32.95 18.75
CA GLU B 422 50.91 32.99 17.39
C GLU B 422 50.18 34.02 16.52
N TRP B 423 48.86 34.14 16.71
CA TRP B 423 48.06 35.07 15.92
C TRP B 423 48.52 36.52 16.11
N GLU B 424 48.94 36.85 17.32
CA GLU B 424 49.52 38.17 17.61
C GLU B 424 50.83 38.40 16.84
N ARG B 425 51.61 37.33 16.65
CA ARG B 425 52.79 37.36 15.79
C ARG B 425 52.49 37.40 14.29
N GLY B 426 51.21 37.34 13.90
CA GLY B 426 50.85 37.13 12.51
C GLY B 426 51.27 35.74 12.03
N GLU B 427 51.09 34.75 12.91
CA GLU B 427 51.50 33.38 12.64
C GLU B 427 50.46 32.35 13.07
N VAL B 428 50.67 31.12 12.62
CA VAL B 428 49.94 29.96 13.08
C VAL B 428 50.96 28.87 13.37
N GLN B 429 50.53 27.81 14.04
CA GLN B 429 51.37 26.64 14.19
C GLN B 429 50.96 25.59 13.18
N VAL B 430 51.93 25.04 12.46
CA VAL B 430 51.69 23.97 11.49
C VAL B 430 52.36 22.69 11.97
N LYS B 431 51.70 21.57 11.74
CA LYS B 431 52.26 20.27 12.07
C LYS B 431 51.97 19.29 10.93
N MET B 432 53.00 18.60 10.44
CA MET B 432 52.84 17.64 9.35
C MET B 432 52.46 16.28 9.91
N LEU B 433 51.55 15.59 9.24
CA LEU B 433 51.03 14.31 9.71
C LEU B 433 51.48 13.12 8.86
N ARG B 434 51.98 13.38 7.64
CA ARG B 434 52.40 12.34 6.71
C ARG B 434 53.82 12.61 6.19
N ARG B 446 58.10 18.34 16.50
CA ARG B 446 56.66 18.22 16.36
C ARG B 446 55.99 19.60 16.47
N GLY B 447 55.97 20.31 15.33
CA GLY B 447 55.25 21.59 15.19
C GLY B 447 56.14 22.77 14.85
N PHE B 448 55.62 23.69 14.03
CA PHE B 448 56.38 24.82 13.49
C PHE B 448 55.50 26.07 13.43
N ALA B 449 55.99 27.24 13.84
CA ALA B 449 55.24 28.51 13.63
C ALA B 449 55.47 28.96 12.18
N VAL B 450 54.42 29.46 11.53
CA VAL B 450 54.50 29.89 10.13
C VAL B 450 53.74 31.21 9.96
N PRO B 451 54.31 32.17 9.20
CA PRO B 451 53.54 33.38 8.88
C PRO B 451 52.35 33.08 7.99
N LEU B 452 51.24 33.76 8.22
CA LEU B 452 50.01 33.56 7.43
C LEU B 452 50.27 33.54 5.93
N ASP B 453 51.05 34.50 5.45
CA ASP B 453 51.32 34.62 4.02
C ASP B 453 52.16 33.46 3.45
N ARG B 454 52.89 32.76 4.31
CA ARG B 454 53.74 31.65 3.87
C ARG B 454 53.07 30.28 3.95
N LEU B 455 51.79 30.22 4.34
CA LEU B 455 51.06 28.96 4.40
C LEU B 455 50.85 28.31 3.03
N VAL B 456 50.78 29.14 2.00
CA VAL B 456 50.43 28.67 0.66
C VAL B 456 51.48 29.08 -0.37
#